data_5JBG
#
_entry.id   5JBG
#
_cell.length_a   69.860
_cell.length_b   97.430
_cell.length_c   122.580
_cell.angle_alpha   90.00
_cell.angle_beta   90.00
_cell.angle_gamma   90.00
#
_symmetry.space_group_name_H-M   'P 21 21 21'
#
loop_
_entity.id
_entity.type
_entity.pdbx_description
1 polymer LGP2
2 polymer "RNA (5'-R(*GPPP*GP*AP*GP*CP*GP*UP*GP*CP*CP*GP*GP*GP*CP*AP*CP*GP*CP*UP*CP*CP*GP*G)-3')"
3 non-polymer 'ZINC ION'
4 non-polymer "ADENOSINE-5'-DIPHOSPHATE"
5 non-polymer 'TETRAFLUOROALUMINATE ION'
6 non-polymer 'MAGNESIUM ION'
7 non-polymer 'SULFATE ION'
8 water water
#
loop_
_entity_poly.entity_id
_entity_poly.type
_entity_poly.pdbx_seq_one_letter_code
_entity_poly.pdbx_strand_id
1 'polypeptide(L)'
;GAMGGGSELHGYQLEAVAPALRGRNSIVWLPTGAGKTRAAVHVCRRHLEGRRGGRVAVLVNKVHLVQQHLEKEFHVLRDA
FKVTAVSGDSSHKCFFGQLAKGSDVVICTAQILQNALLSGEEEARVELTDFSLLVIDECHHTQKEAVYNKIMLSYLQKKL
SGQRDLPQILGLTASPGTGGETSFEGAVEHILQICANLDTEVIASAQEHAQHLQSHVPQPTKQYDLCQEREQDPFGQRLK
KIMAQIQEHMEMPELPQNFGTQVYEQRIVELENRAAERFCRKTRVCALHLRRYNDALLINDTVRMMDAFQCLQQFYADKR
DTKDPTERFLATTFEENRATLQALAGDQRYENPRLSKLEEILQEHFQPPGSSRGIVFTKTRQSAHSLLSWLQDTAGLCGQ
HIRAAVLTGSGHSNQAKGMTQNEQQDVITLFRYGELNLLFSTSVAEEGLDIPECNIVVRYGLMTNEIAMVQAQGRARAQN
SMYSVLAKANSREVYREQLNESLVGLMERAIRAVQAMPERKYRLKIVELQRNAVLSWQVKEARSSERRQLHDPDDVYFHC
VNCNVAVCRGSDIRTVEAMHHVNINPNFRFYYTVSSGKIHFERTFRDWEPGCRIVCSECRQEWGMEMIYRNVTLPILSIK
NFVVVTPDEKKKYKKWSTVTFPIEEFSYLEYCSSTQDESL
;
A
2 'polyribonucleotide' (GTP)GAGCGUGCCGUACGGCACGCUCCGG X
#
loop_
_chem_comp.id
_chem_comp.type
_chem_comp.name
_chem_comp.formula
A RNA linking ADENOSINE-5'-MONOPHOSPHATE 'C10 H14 N5 O7 P'
ADP non-polymer ADENOSINE-5'-DIPHOSPHATE 'C10 H15 N5 O10 P2'
ALF non-polymer 'TETRAFLUOROALUMINATE ION' 'Al F4 -1'
C RNA linking CYTIDINE-5'-MONOPHOSPHATE 'C9 H14 N3 O8 P'
G RNA linking GUANOSINE-5'-MONOPHOSPHATE 'C10 H14 N5 O8 P'
GTP non-polymer GUANOSINE-5'-TRIPHOSPHATE 'C10 H16 N5 O14 P3'
MG non-polymer 'MAGNESIUM ION' 'Mg 2'
SO4 non-polymer 'SULFATE ION' 'O4 S -2'
U RNA linking URIDINE-5'-MONOPHOSPHATE 'C9 H13 N2 O9 P'
ZN non-polymer 'ZINC ION' 'Zn 2'
#
# COMPACT_ATOMS: atom_id res chain seq x y z
N SER A 7 0.71 -34.77 -5.76
CA SER A 7 -0.64 -34.26 -6.13
C SER A 7 -0.69 -33.67 -7.52
N GLU A 8 -0.97 -34.53 -8.49
CA GLU A 8 -1.17 -34.09 -9.86
C GLU A 8 -2.45 -33.21 -9.94
N LEU A 9 -2.55 -32.47 -11.03
CA LEU A 9 -3.64 -31.53 -11.22
C LEU A 9 -5.03 -32.18 -11.10
N HIS A 10 -5.95 -31.43 -10.49
CA HIS A 10 -7.36 -31.79 -10.47
C HIS A 10 -7.96 -31.52 -11.85
N GLY A 11 -9.12 -32.14 -12.11
CA GLY A 11 -9.83 -31.95 -13.37
C GLY A 11 -10.11 -30.48 -13.66
N TYR A 12 -10.62 -29.76 -12.67
CA TYR A 12 -10.90 -28.33 -12.84
C TYR A 12 -9.68 -27.48 -13.23
N GLN A 13 -8.51 -27.81 -12.69
CA GLN A 13 -7.25 -27.13 -13.05
C GLN A 13 -6.88 -27.31 -14.52
N LEU A 14 -6.84 -28.57 -14.96
CA LEU A 14 -6.60 -28.88 -16.38
C LEU A 14 -7.59 -28.15 -17.29
N GLU A 15 -8.86 -28.18 -16.91
CA GLU A 15 -9.95 -27.54 -17.65
C GLU A 15 -9.74 -26.03 -17.73
N ALA A 16 -9.42 -25.40 -16.60
CA ALA A 16 -9.20 -23.94 -16.53
C ALA A 16 -8.02 -23.47 -17.37
N VAL A 17 -7.02 -24.33 -17.57
CA VAL A 17 -5.83 -23.97 -18.37
C VAL A 17 -5.83 -24.46 -19.83
N ALA A 18 -6.87 -25.18 -20.26
CA ALA A 18 -6.99 -25.63 -21.66
C ALA A 18 -6.81 -24.51 -22.69
N PRO A 19 -7.52 -23.36 -22.53
CA PRO A 19 -7.24 -22.24 -23.43
C PRO A 19 -5.77 -21.77 -23.43
N ALA A 20 -5.19 -21.59 -22.24
CA ALA A 20 -3.77 -21.18 -22.13
C ALA A 20 -2.81 -22.16 -22.83
N LEU A 21 -3.09 -23.45 -22.69
CA LEU A 21 -2.31 -24.51 -23.37
C LEU A 21 -2.37 -24.46 -24.89
N ARG A 22 -3.49 -23.97 -25.42
CA ARG A 22 -3.64 -23.68 -26.86
C ARG A 22 -3.06 -22.32 -27.27
N GLY A 23 -2.34 -21.65 -26.37
CA GLY A 23 -1.78 -20.33 -26.67
C GLY A 23 -2.72 -19.12 -26.57
N ARG A 24 -3.95 -19.31 -26.10
CA ARG A 24 -4.89 -18.18 -26.02
C ARG A 24 -4.59 -17.34 -24.76
N ASN A 25 -4.67 -16.01 -24.89
CA ASN A 25 -4.62 -15.13 -23.73
C ASN A 25 -5.83 -15.43 -22.87
N SER A 26 -5.64 -15.59 -21.56
CA SER A 26 -6.76 -15.89 -20.69
C SER A 26 -6.61 -15.32 -19.28
N ILE A 27 -7.75 -15.31 -18.59
CA ILE A 27 -7.79 -15.20 -17.15
C ILE A 27 -8.30 -16.54 -16.62
N VAL A 28 -7.53 -17.14 -15.72
CA VAL A 28 -7.99 -18.27 -14.93
C VAL A 28 -8.69 -17.71 -13.70
N TRP A 29 -10.03 -17.88 -13.68
CA TRP A 29 -10.87 -17.58 -12.56
C TRP A 29 -11.25 -18.84 -11.81
N LEU A 30 -10.61 -19.06 -10.67
CA LEU A 30 -10.85 -20.18 -9.77
C LEU A 30 -10.88 -19.68 -8.31
N PRO A 31 -11.68 -20.32 -7.45
CA PRO A 31 -11.82 -19.84 -6.07
C PRO A 31 -10.49 -19.69 -5.28
N THR A 32 -10.53 -18.96 -4.17
CA THR A 32 -9.31 -18.81 -3.35
C THR A 32 -8.90 -20.18 -2.86
N GLY A 33 -7.61 -20.46 -2.97
CA GLY A 33 -7.03 -21.73 -2.55
C GLY A 33 -7.31 -22.89 -3.49
N ALA A 34 -7.88 -22.62 -4.66
CA ALA A 34 -8.21 -23.67 -5.64
C ALA A 34 -6.96 -24.24 -6.31
N GLY A 35 -5.85 -23.51 -6.24
CA GLY A 35 -4.59 -23.97 -6.80
C GLY A 35 -4.34 -23.43 -8.18
N LYS A 36 -4.62 -22.15 -8.38
CA LYS A 36 -4.31 -21.48 -9.64
C LYS A 36 -2.80 -21.51 -9.91
N THR A 37 -1.99 -21.45 -8.85
CA THR A 37 -0.56 -21.35 -9.05
C THR A 37 -0.01 -22.62 -9.73
N ARG A 38 -0.38 -23.79 -9.22
CA ARG A 38 0.12 -25.06 -9.78
C ARG A 38 -0.38 -25.25 -11.21
N ALA A 39 -1.61 -24.80 -11.48
CA ALA A 39 -2.14 -24.77 -12.84
C ALA A 39 -1.26 -23.93 -13.75
N ALA A 40 -0.93 -22.73 -13.31
CA ALA A 40 -0.04 -21.86 -14.06
C ALA A 40 1.33 -22.51 -14.32
N VAL A 41 1.89 -23.20 -13.33
CA VAL A 41 3.20 -23.88 -13.50
C VAL A 41 3.14 -24.90 -14.64
N HIS A 42 2.05 -25.65 -14.68
CA HIS A 42 1.82 -26.63 -15.74
C HIS A 42 1.80 -25.92 -17.10
N VAL A 43 1.12 -24.77 -17.18
CA VAL A 43 1.12 -23.96 -18.42
C VAL A 43 2.54 -23.57 -18.82
N CYS A 44 3.33 -23.08 -17.86
CA CYS A 44 4.74 -22.74 -18.11
C CYS A 44 5.60 -23.93 -18.58
N ARG A 45 5.38 -25.10 -18.00
CA ARG A 45 6.13 -26.29 -18.40
C ARG A 45 5.84 -26.63 -19.87
N ARG A 46 4.56 -26.73 -20.24
CA ARG A 46 4.15 -27.05 -21.62
C ARG A 46 4.47 -25.92 -22.60
N HIS A 47 4.41 -24.68 -22.11
CA HIS A 47 4.80 -23.53 -22.91
C HIS A 47 6.27 -23.62 -23.29
N LEU A 48 7.11 -23.84 -22.29
CA LEU A 48 8.56 -23.89 -22.50
C LEU A 48 9.00 -25.11 -23.31
N GLU A 49 8.36 -26.25 -23.04
CA GLU A 49 8.54 -27.47 -23.86
C GLU A 49 8.13 -27.27 -25.32
N GLY A 50 6.99 -26.63 -25.54
CA GLY A 50 6.42 -26.48 -26.89
C GLY A 50 7.16 -25.58 -27.87
N ARG A 51 8.23 -24.92 -27.41
CA ARG A 51 9.06 -24.07 -28.26
C ARG A 51 10.29 -23.63 -27.49
N ARG A 52 11.48 -23.84 -28.04
CA ARG A 52 12.70 -23.30 -27.41
C ARG A 52 12.84 -21.82 -27.74
N GLY A 53 13.60 -21.13 -26.90
CA GLY A 53 13.68 -19.66 -26.91
C GLY A 53 12.60 -18.96 -26.09
N GLY A 54 11.71 -19.72 -25.46
CA GLY A 54 10.66 -19.14 -24.62
C GLY A 54 11.24 -18.55 -23.36
N ARG A 55 10.64 -17.46 -22.88
CA ARG A 55 11.00 -16.87 -21.57
C ARG A 55 9.73 -16.41 -20.87
N VAL A 56 9.56 -16.83 -19.62
CA VAL A 56 8.36 -16.53 -18.82
C VAL A 56 8.68 -15.50 -17.72
N ALA A 57 7.85 -14.47 -17.61
CA ALA A 57 7.84 -13.58 -16.44
C ALA A 57 6.59 -13.89 -15.64
N VAL A 58 6.78 -14.08 -14.33
CA VAL A 58 5.70 -14.32 -13.39
C VAL A 58 5.65 -13.09 -12.47
N LEU A 59 4.59 -12.30 -12.59
CA LEU A 59 4.43 -11.05 -11.85
C LEU A 59 3.55 -11.28 -10.63
N VAL A 60 4.03 -10.81 -9.47
CA VAL A 60 3.27 -10.81 -8.24
C VAL A 60 3.21 -9.40 -7.69
N ASN A 61 2.37 -9.18 -6.68
CA ASN A 61 2.13 -7.84 -6.14
C ASN A 61 2.50 -7.69 -4.67
N LYS A 62 3.16 -8.69 -4.09
CA LYS A 62 3.63 -8.66 -2.69
C LYS A 62 5.00 -9.30 -2.67
N VAL A 63 5.88 -8.75 -1.84
N VAL A 63 5.90 -8.76 -1.85
CA VAL A 63 7.27 -9.17 -1.79
CA VAL A 63 7.30 -9.20 -1.84
C VAL A 63 7.39 -10.64 -1.44
C VAL A 63 7.48 -10.64 -1.38
N HIS A 64 6.66 -11.08 -0.43
CA HIS A 64 6.78 -12.45 0.08
C HIS A 64 6.22 -13.49 -0.90
N LEU A 65 5.29 -13.10 -1.78
CA LEU A 65 4.77 -14.06 -2.78
C LEU A 65 5.83 -14.54 -3.79
N VAL A 66 6.88 -13.74 -4.00
CA VAL A 66 7.98 -14.14 -4.89
C VAL A 66 8.62 -15.44 -4.37
N GLN A 67 8.99 -15.43 -3.09
CA GLN A 67 9.58 -16.59 -2.44
C GLN A 67 8.56 -17.72 -2.27
N GLN A 68 7.32 -17.40 -1.86
CA GLN A 68 6.31 -18.43 -1.67
C GLN A 68 6.08 -19.20 -2.97
N HIS A 69 5.90 -18.47 -4.07
CA HIS A 69 5.63 -19.10 -5.36
C HIS A 69 6.78 -19.97 -5.87
N LEU A 70 8.01 -19.51 -5.65
CA LEU A 70 9.17 -20.32 -6.00
C LEU A 70 9.21 -21.62 -5.20
N GLU A 71 9.19 -21.52 -3.86
CA GLU A 71 9.46 -22.67 -2.99
C GLU A 71 8.35 -23.70 -2.96
N LYS A 72 7.10 -23.27 -3.12
CA LYS A 72 5.97 -24.18 -3.05
C LYS A 72 5.46 -24.65 -4.44
N GLU A 73 5.85 -23.98 -5.54
CA GLU A 73 5.31 -24.31 -6.86
C GLU A 73 6.31 -24.28 -8.00
N PHE A 74 6.84 -23.10 -8.33
CA PHE A 74 7.65 -22.96 -9.55
C PHE A 74 9.01 -23.67 -9.52
N HIS A 75 9.51 -24.04 -8.34
CA HIS A 75 10.79 -24.76 -8.26
C HIS A 75 10.79 -26.10 -8.97
N VAL A 76 9.64 -26.76 -9.12
CA VAL A 76 9.60 -28.06 -9.84
C VAL A 76 10.06 -27.97 -11.31
N LEU A 77 9.97 -26.79 -11.91
CA LEU A 77 10.52 -26.55 -13.25
C LEU A 77 12.07 -26.60 -13.35
N ARG A 78 12.77 -26.65 -12.22
CA ARG A 78 14.23 -26.70 -12.21
C ARG A 78 14.86 -28.04 -12.63
N ASP A 79 14.05 -29.08 -12.80
CA ASP A 79 14.54 -30.32 -13.39
C ASP A 79 15.05 -30.08 -14.82
N ALA A 80 14.33 -29.25 -15.58
CA ALA A 80 14.66 -28.94 -16.97
C ALA A 80 14.93 -27.46 -17.30
N PHE A 81 14.60 -26.54 -16.39
CA PHE A 81 14.65 -25.10 -16.73
C PHE A 81 15.27 -24.24 -15.62
N LYS A 82 15.73 -23.06 -15.99
CA LYS A 82 16.31 -22.16 -15.02
C LYS A 82 15.25 -21.17 -14.55
N VAL A 83 14.97 -21.21 -13.25
CA VAL A 83 13.94 -20.40 -12.62
C VAL A 83 14.65 -19.50 -11.62
N THR A 84 14.46 -18.18 -11.77
CA THR A 84 15.07 -17.18 -10.89
C THR A 84 13.97 -16.41 -10.15
N ALA A 85 14.05 -16.41 -8.81
CA ALA A 85 13.22 -15.53 -7.99
C ALA A 85 14.02 -14.28 -7.70
N VAL A 86 13.51 -13.14 -8.16
CA VAL A 86 14.08 -11.83 -7.84
C VAL A 86 14.05 -11.64 -6.33
N SER A 87 15.16 -11.25 -5.75
CA SER A 87 15.24 -10.97 -4.31
C SER A 87 15.99 -9.66 -4.03
N GLY A 88 15.37 -8.79 -3.25
CA GLY A 88 16.03 -7.59 -2.74
C GLY A 88 17.13 -7.84 -1.72
N ASP A 89 17.25 -9.09 -1.25
CA ASP A 89 18.29 -9.54 -0.31
C ASP A 89 19.50 -10.24 -0.94
N SER A 90 19.58 -10.31 -2.28
CA SER A 90 20.73 -10.96 -2.92
C SER A 90 22.01 -10.20 -2.60
N SER A 91 23.06 -10.94 -2.23
CA SER A 91 24.39 -10.38 -2.02
C SER A 91 25.30 -10.74 -3.20
N HIS A 92 24.75 -10.65 -4.41
CA HIS A 92 25.51 -10.71 -5.67
C HIS A 92 24.65 -10.03 -6.74
N LYS A 93 24.27 -8.77 -6.48
CA LYS A 93 23.24 -8.09 -7.28
C LYS A 93 23.73 -7.67 -8.66
N CYS A 94 22.92 -7.96 -9.66
CA CYS A 94 23.15 -7.53 -11.03
C CYS A 94 21.85 -6.87 -11.54
N PHE A 95 21.83 -6.45 -12.79
CA PHE A 95 20.65 -5.76 -13.33
C PHE A 95 19.60 -6.79 -13.77
N PHE A 96 18.36 -6.31 -13.89
CA PHE A 96 17.23 -7.19 -14.19
C PHE A 96 17.36 -7.89 -15.53
N GLY A 97 17.71 -7.12 -16.57
CA GLY A 97 17.91 -7.66 -17.92
C GLY A 97 18.81 -8.89 -17.95
N GLN A 98 19.97 -8.79 -17.30
CA GLN A 98 20.95 -9.87 -17.20
C GLN A 98 20.35 -11.11 -16.56
N LEU A 99 19.69 -10.88 -15.43
CA LEU A 99 18.99 -11.92 -14.65
C LEU A 99 17.93 -12.65 -15.50
N ALA A 100 17.09 -11.86 -16.18
CA ALA A 100 15.96 -12.38 -16.95
C ALA A 100 16.41 -13.06 -18.24
N LYS A 101 17.30 -12.40 -18.98
CA LYS A 101 17.79 -12.93 -20.25
C LYS A 101 18.56 -14.24 -20.07
N GLY A 102 19.17 -14.41 -18.89
CA GLY A 102 19.81 -15.67 -18.52
C GLY A 102 18.91 -16.67 -17.79
N SER A 103 17.59 -16.52 -17.90
CA SER A 103 16.64 -17.42 -17.24
C SER A 103 15.49 -17.81 -18.16
N ASP A 104 14.90 -18.98 -17.90
CA ASP A 104 13.69 -19.43 -18.60
C ASP A 104 12.43 -18.86 -17.95
N VAL A 105 12.44 -18.78 -16.62
CA VAL A 105 11.36 -18.20 -15.83
C VAL A 105 11.95 -17.19 -14.84
N VAL A 106 11.36 -15.99 -14.81
CA VAL A 106 11.71 -14.96 -13.83
C VAL A 106 10.46 -14.63 -13.03
N ILE A 107 10.59 -14.69 -11.70
CA ILE A 107 9.50 -14.38 -10.77
C ILE A 107 9.87 -13.10 -10.07
N CYS A 108 9.00 -12.09 -10.13
CA CYS A 108 9.29 -10.82 -9.47
C CYS A 108 8.02 -10.06 -9.19
N THR A 109 8.11 -9.09 -8.28
CA THR A 109 7.04 -8.09 -8.12
C THR A 109 6.98 -7.26 -9.40
N ALA A 110 5.78 -6.86 -9.77
CA ALA A 110 5.59 -6.20 -11.07
C ALA A 110 6.41 -4.94 -11.29
N GLN A 111 6.62 -4.16 -10.24
CA GLN A 111 7.38 -2.92 -10.38
C GLN A 111 8.84 -3.18 -10.79
N ILE A 112 9.41 -4.32 -10.38
CA ILE A 112 10.76 -4.72 -10.83
C ILE A 112 10.80 -4.79 -12.37
N LEU A 113 9.80 -5.43 -12.99
CA LEU A 113 9.73 -5.50 -14.46
C LEU A 113 9.47 -4.14 -15.09
N GLN A 114 8.55 -3.36 -14.50
CA GLN A 114 8.23 -2.04 -15.03
C GLN A 114 9.44 -1.12 -15.04
N ASN A 115 10.25 -1.14 -13.97
CA ASN A 115 11.54 -0.42 -13.91
C ASN A 115 12.45 -0.81 -15.08
N ALA A 116 12.55 -2.12 -15.34
CA ALA A 116 13.40 -2.61 -16.42
C ALA A 116 12.86 -2.22 -17.78
N LEU A 117 11.53 -2.25 -17.93
CA LEU A 117 10.87 -1.84 -19.18
C LEU A 117 11.04 -0.36 -19.51
N LEU A 118 11.23 0.48 -18.48
CA LEU A 118 11.46 1.92 -18.66
C LEU A 118 12.95 2.33 -18.59
N SER A 119 13.87 1.38 -18.42
CA SER A 119 15.25 1.73 -18.07
C SER A 119 16.00 2.49 -19.15
N GLY A 120 16.92 3.36 -18.72
CA GLY A 120 17.84 4.05 -19.62
C GLY A 120 19.05 3.18 -19.96
N GLU A 121 19.63 2.56 -18.94
CA GLU A 121 20.86 1.79 -19.10
C GLU A 121 20.63 0.46 -19.82
N GLU A 122 21.60 0.08 -20.66
CA GLU A 122 21.47 -1.03 -21.59
C GLU A 122 21.52 -2.39 -20.89
N GLU A 123 22.23 -2.47 -19.77
CA GLU A 123 22.35 -3.73 -19.02
C GLU A 123 21.04 -4.11 -18.33
N ALA A 124 20.25 -3.11 -17.94
CA ALA A 124 18.99 -3.31 -17.22
C ALA A 124 17.75 -3.36 -18.12
N ARG A 125 17.85 -2.79 -19.32
CA ARG A 125 16.72 -2.65 -20.25
C ARG A 125 16.11 -4.00 -20.68
N VAL A 126 14.79 -4.04 -20.73
CA VAL A 126 14.03 -5.20 -21.18
C VAL A 126 12.87 -4.68 -22.04
N GLU A 127 12.35 -5.55 -22.90
CA GLU A 127 11.16 -5.25 -23.71
C GLU A 127 10.13 -6.33 -23.42
N LEU A 128 8.87 -6.03 -23.69
CA LEU A 128 7.82 -7.04 -23.63
C LEU A 128 8.07 -8.20 -24.60
N THR A 129 8.69 -7.91 -25.75
CA THR A 129 9.02 -8.95 -26.74
C THR A 129 10.11 -9.93 -26.28
N ASP A 130 10.83 -9.63 -25.19
CA ASP A 130 11.77 -10.59 -24.58
C ASP A 130 11.09 -11.69 -23.75
N PHE A 131 9.75 -11.71 -23.67
CA PHE A 131 9.01 -12.78 -23.02
C PHE A 131 7.98 -13.36 -23.97
N SER A 132 7.75 -14.66 -23.85
CA SER A 132 6.71 -15.32 -24.62
C SER A 132 5.45 -15.59 -23.77
N LEU A 133 5.59 -15.51 -22.45
CA LEU A 133 4.48 -15.68 -21.53
C LEU A 133 4.64 -14.75 -20.31
N LEU A 134 3.60 -13.97 -20.03
CA LEU A 134 3.49 -13.22 -18.78
C LEU A 134 2.37 -13.83 -17.95
N VAL A 135 2.71 -14.25 -16.73
CA VAL A 135 1.75 -14.78 -15.77
C VAL A 135 1.54 -13.69 -14.72
N ILE A 136 0.30 -13.20 -14.62
CA ILE A 136 -0.02 -12.06 -13.78
C ILE A 136 -0.89 -12.60 -12.65
N ASP A 137 -0.28 -12.77 -11.48
CA ASP A 137 -0.95 -13.29 -10.30
C ASP A 137 -1.81 -12.16 -9.71
N GLU A 138 -2.94 -12.52 -9.12
CA GLU A 138 -3.91 -11.55 -8.58
C GLU A 138 -4.19 -10.48 -9.64
N CYS A 139 -4.61 -10.93 -10.83
CA CYS A 139 -4.68 -10.04 -12.02
C CYS A 139 -5.80 -9.01 -11.99
N HIS A 140 -6.73 -9.14 -11.05
CA HIS A 140 -7.68 -8.07 -10.75
C HIS A 140 -7.05 -6.70 -10.42
N HIS A 141 -5.76 -6.66 -10.06
CA HIS A 141 -5.03 -5.37 -9.90
C HIS A 141 -4.65 -4.68 -11.23
N THR A 142 -4.93 -5.33 -12.36
CA THR A 142 -4.67 -4.78 -13.68
C THR A 142 -5.80 -3.80 -14.04
N GLN A 143 -5.83 -2.69 -13.31
CA GLN A 143 -6.84 -1.64 -13.42
C GLN A 143 -6.19 -0.32 -13.10
N LYS A 144 -6.82 0.75 -13.59
CA LYS A 144 -6.41 2.14 -13.31
C LYS A 144 -4.92 2.35 -13.59
N GLU A 145 -4.15 2.95 -12.68
CA GLU A 145 -2.73 3.22 -12.91
C GLU A 145 -1.80 2.32 -12.09
N ALA A 146 -2.30 1.18 -11.60
CA ALA A 146 -1.46 0.18 -10.95
C ALA A 146 -0.47 -0.38 -11.95
N VAL A 147 0.68 -0.82 -11.44
CA VAL A 147 1.82 -1.19 -12.29
C VAL A 147 1.44 -2.31 -13.28
N TYR A 148 0.69 -3.29 -12.80
CA TYR A 148 0.09 -4.31 -13.69
C TYR A 148 -0.56 -3.64 -14.91
N ASN A 149 -1.39 -2.62 -14.68
CA ASN A 149 -2.05 -1.92 -15.80
C ASN A 149 -1.13 -1.03 -16.63
N LYS A 150 -0.08 -0.46 -16.02
CA LYS A 150 0.92 0.30 -16.77
C LYS A 150 1.68 -0.59 -17.75
N ILE A 151 2.09 -1.76 -17.30
CA ILE A 151 2.73 -2.78 -18.15
C ILE A 151 1.77 -3.19 -19.28
N MET A 152 0.53 -3.51 -18.95
CA MET A 152 -0.44 -3.97 -19.94
C MET A 152 -0.94 -2.86 -20.87
N LEU A 153 -0.97 -1.61 -20.40
CA LEU A 153 -1.36 -0.50 -21.27
C LEU A 153 -0.32 -0.31 -22.39
N SER A 154 0.95 -0.46 -22.04
CA SER A 154 2.03 -0.54 -23.01
C SER A 154 1.88 -1.72 -23.98
N TYR A 155 1.49 -2.88 -23.47
CA TYR A 155 1.15 -4.04 -24.31
C TYR A 155 0.04 -3.71 -25.33
N LEU A 156 -1.05 -3.08 -24.85
CA LEU A 156 -2.15 -2.66 -25.72
C LEU A 156 -1.69 -1.67 -26.81
N GLN A 157 -0.98 -0.62 -26.41
CA GLN A 157 -0.40 0.36 -27.35
C GLN A 157 0.36 -0.34 -28.48
N LYS A 158 1.17 -1.32 -28.10
CA LYS A 158 1.96 -2.08 -29.06
C LYS A 158 1.09 -2.99 -29.91
N LYS A 159 0.12 -3.65 -29.28
CA LYS A 159 -0.83 -4.50 -30.00
C LYS A 159 -1.60 -3.71 -31.09
N LEU A 160 -2.12 -2.55 -30.72
CA LEU A 160 -2.92 -1.73 -31.62
C LEU A 160 -2.11 -1.09 -32.78
N SER A 161 -0.79 -0.96 -32.59
CA SER A 161 0.09 -0.50 -33.66
C SER A 161 0.64 -1.64 -34.53
N GLY A 162 0.20 -2.87 -34.27
CA GLY A 162 0.64 -4.03 -35.03
C GLY A 162 1.99 -4.59 -34.63
N GLN A 163 2.35 -4.47 -33.34
CA GLN A 163 3.55 -5.14 -32.83
C GLN A 163 3.28 -6.64 -32.80
N ARG A 164 4.24 -7.41 -33.28
CA ARG A 164 4.12 -8.86 -33.38
C ARG A 164 4.92 -9.52 -32.27
N ASP A 165 4.73 -10.84 -32.12
CA ASP A 165 5.29 -11.68 -31.02
C ASP A 165 5.32 -10.99 -29.64
N LEU A 166 4.16 -10.47 -29.26
CA LEU A 166 3.91 -10.05 -27.89
C LEU A 166 3.65 -11.30 -27.07
N PRO A 167 4.03 -11.27 -25.78
CA PRO A 167 3.87 -12.47 -24.97
C PRO A 167 2.41 -12.87 -24.85
N GLN A 168 2.18 -14.15 -24.65
CA GLN A 168 0.88 -14.64 -24.19
C GLN A 168 0.63 -14.13 -22.76
N ILE A 169 -0.63 -13.89 -22.42
CA ILE A 169 -1.03 -13.39 -21.10
C ILE A 169 -1.85 -14.45 -20.38
N LEU A 170 -1.40 -14.80 -19.18
CA LEU A 170 -2.16 -15.66 -18.30
C LEU A 170 -2.42 -14.91 -17.00
N GLY A 171 -3.65 -14.44 -16.85
CA GLY A 171 -4.08 -13.80 -15.62
C GLY A 171 -4.61 -14.85 -14.66
N LEU A 172 -4.28 -14.71 -13.36
CA LEU A 172 -4.82 -15.56 -12.29
C LEU A 172 -5.58 -14.70 -11.26
N THR A 173 -6.83 -15.04 -10.97
CA THR A 173 -7.57 -14.38 -9.89
C THR A 173 -8.78 -15.19 -9.42
N ALA A 174 -9.13 -15.01 -8.15
CA ALA A 174 -10.40 -15.48 -7.60
C ALA A 174 -11.52 -14.42 -7.66
N SER A 175 -11.18 -13.18 -7.98
CA SER A 175 -12.06 -12.05 -7.70
C SER A 175 -11.75 -10.83 -8.59
N PRO A 176 -12.27 -10.82 -9.83
CA PRO A 176 -12.24 -9.61 -10.65
C PRO A 176 -12.90 -8.39 -9.99
N GLY A 177 -13.90 -8.62 -9.14
CA GLY A 177 -14.62 -7.55 -8.46
C GLY A 177 -15.67 -6.93 -9.37
N THR A 178 -16.37 -5.91 -8.85
CA THR A 178 -17.32 -5.13 -9.67
C THR A 178 -16.85 -3.70 -9.85
N GLY A 179 -15.76 -3.30 -9.21
CA GLY A 179 -15.19 -1.95 -9.37
C GLY A 179 -16.15 -0.85 -8.94
N GLY A 180 -16.89 -1.10 -7.86
CA GLY A 180 -17.86 -0.15 -7.34
C GLY A 180 -19.25 -0.25 -7.96
N GLU A 181 -19.41 -1.01 -9.05
CA GLU A 181 -20.69 -1.12 -9.76
C GLU A 181 -21.62 -2.00 -8.95
N THR A 182 -22.88 -1.59 -8.87
CA THR A 182 -23.93 -2.34 -8.19
C THR A 182 -25.08 -2.78 -9.10
N SER A 183 -25.00 -2.51 -10.41
CA SER A 183 -25.97 -3.03 -11.39
C SER A 183 -25.34 -4.15 -12.21
N PHE A 184 -26.16 -5.02 -12.79
CA PHE A 184 -25.69 -6.07 -13.67
C PHE A 184 -24.94 -5.48 -14.87
N GLU A 185 -25.51 -4.44 -15.48
CA GLU A 185 -24.92 -3.73 -16.63
C GLU A 185 -23.56 -3.17 -16.28
N GLY A 186 -23.50 -2.48 -15.15
CA GLY A 186 -22.24 -1.95 -14.64
C GLY A 186 -21.20 -3.04 -14.43
N ALA A 187 -21.59 -4.09 -13.71
CA ALA A 187 -20.66 -5.19 -13.38
C ALA A 187 -20.13 -5.87 -14.63
N VAL A 188 -21.01 -6.08 -15.61
CA VAL A 188 -20.63 -6.64 -16.90
C VAL A 188 -19.59 -5.75 -17.59
N GLU A 189 -19.82 -4.45 -17.62
CA GLU A 189 -18.88 -3.49 -18.21
C GLU A 189 -17.50 -3.54 -17.50
N HIS A 190 -17.51 -3.68 -16.18
CA HIS A 190 -16.28 -3.80 -15.42
C HIS A 190 -15.51 -5.07 -15.79
N ILE A 191 -16.22 -6.20 -15.94
CA ILE A 191 -15.57 -7.45 -16.36
C ILE A 191 -14.91 -7.28 -17.73
N LEU A 192 -15.64 -6.65 -18.65
CA LEU A 192 -15.13 -6.41 -20.00
C LEU A 192 -13.92 -5.49 -19.98
N GLN A 193 -13.94 -4.50 -19.11
CA GLN A 193 -12.79 -3.60 -18.92
C GLN A 193 -11.56 -4.34 -18.41
N ILE A 194 -11.75 -5.29 -17.48
CA ILE A 194 -10.63 -6.15 -17.00
C ILE A 194 -10.08 -6.99 -18.16
N CYS A 195 -10.98 -7.65 -18.89
CA CYS A 195 -10.58 -8.44 -20.07
C CYS A 195 -9.84 -7.56 -21.07
N ALA A 196 -10.34 -6.36 -21.29
CA ALA A 196 -9.69 -5.42 -22.21
C ALA A 196 -8.27 -5.11 -21.74
N ASN A 197 -8.15 -4.77 -20.46
CA ASN A 197 -6.84 -4.42 -19.86
C ASN A 197 -5.81 -5.53 -19.99
N LEU A 198 -6.27 -6.77 -19.78
CA LEU A 198 -5.41 -7.96 -19.86
C LEU A 198 -5.35 -8.65 -21.24
N ASP A 199 -6.07 -8.10 -22.23
CA ASP A 199 -6.14 -8.63 -23.62
C ASP A 199 -6.61 -10.07 -23.65
N THR A 200 -7.67 -10.31 -22.90
CA THR A 200 -8.16 -11.64 -22.64
C THR A 200 -9.01 -12.09 -23.83
N GLU A 201 -8.80 -13.33 -24.24
CA GLU A 201 -9.65 -14.00 -25.22
C GLU A 201 -10.73 -14.83 -24.52
N VAL A 202 -10.36 -15.46 -23.41
CA VAL A 202 -11.27 -16.36 -22.68
C VAL A 202 -11.07 -16.20 -21.17
N ILE A 203 -12.16 -16.06 -20.44
CA ILE A 203 -12.14 -16.25 -19.01
C ILE A 203 -12.47 -17.72 -18.78
N ALA A 204 -11.52 -18.48 -18.24
CA ALA A 204 -11.66 -19.92 -18.06
C ALA A 204 -11.86 -20.20 -16.58
N SER A 205 -12.83 -21.07 -16.31
CA SER A 205 -13.21 -21.42 -14.94
C SER A 205 -13.61 -22.91 -14.91
N ALA A 206 -14.11 -23.38 -13.77
CA ALA A 206 -14.46 -24.80 -13.59
C ALA A 206 -15.92 -25.07 -13.95
N GLN A 207 -16.34 -24.58 -15.11
CA GLN A 207 -17.75 -24.66 -15.55
C GLN A 207 -18.26 -26.11 -15.55
N GLU A 208 -17.46 -27.01 -16.11
CA GLU A 208 -17.73 -28.45 -16.05
C GLU A 208 -16.95 -29.06 -14.88
N VAL A 217 -11.90 -27.63 -2.37
CA VAL A 217 -11.80 -26.26 -1.90
C VAL A 217 -12.89 -25.98 -0.86
N PRO A 218 -12.58 -26.17 0.45
CA PRO A 218 -13.58 -25.84 1.48
C PRO A 218 -13.72 -24.34 1.68
N GLN A 219 -14.86 -23.94 2.25
CA GLN A 219 -15.10 -22.53 2.59
C GLN A 219 -15.58 -22.39 4.04
N PRO A 220 -15.22 -21.26 4.69
CA PRO A 220 -15.44 -21.11 6.11
C PRO A 220 -16.89 -20.77 6.45
N THR A 221 -17.34 -21.17 7.64
CA THR A 221 -18.59 -20.65 8.19
C THR A 221 -18.35 -19.20 8.60
N LYS A 222 -19.25 -18.31 8.20
CA LYS A 222 -19.13 -16.89 8.45
C LYS A 222 -20.02 -16.48 9.64
N GLN A 223 -19.54 -15.53 10.43
CA GLN A 223 -20.24 -15.03 11.60
C GLN A 223 -19.92 -13.55 11.81
N TYR A 224 -20.92 -12.80 12.25
CA TYR A 224 -20.78 -11.41 12.59
C TYR A 224 -20.65 -11.37 14.09
N ASP A 225 -19.54 -10.82 14.58
CA ASP A 225 -19.30 -10.63 16.00
C ASP A 225 -19.43 -9.15 16.28
N LEU A 226 -20.67 -8.75 16.56
CA LEU A 226 -21.02 -7.36 16.73
C LEU A 226 -20.75 -6.88 18.15
N CYS A 227 -20.29 -5.64 18.28
CA CYS A 227 -20.02 -5.05 19.58
C CYS A 227 -20.72 -3.72 19.67
N GLN A 228 -21.10 -3.33 20.89
CA GLN A 228 -21.85 -2.11 21.12
C GLN A 228 -20.90 -0.98 21.42
N GLU A 229 -21.41 0.24 21.29
CA GLU A 229 -20.68 1.42 21.73
C GLU A 229 -20.40 1.29 23.22
N ARG A 230 -19.28 1.86 23.65
CA ARG A 230 -18.94 1.97 25.07
C ARG A 230 -20.05 2.70 25.82
N GLU A 231 -20.55 2.09 26.89
CA GLU A 231 -21.55 2.75 27.76
C GLU A 231 -21.02 4.10 28.26
N GLN A 232 -19.81 4.05 28.83
CA GLN A 232 -19.14 5.22 29.38
C GLN A 232 -17.73 5.31 28.83
N ASP A 233 -17.39 6.47 28.27
CA ASP A 233 -16.10 6.71 27.64
C ASP A 233 -15.50 8.02 28.16
N PRO A 234 -15.16 8.07 29.46
CA PRO A 234 -14.57 9.28 30.04
C PRO A 234 -13.22 9.70 29.46
N PHE A 235 -12.45 8.74 28.92
CA PHE A 235 -11.19 9.05 28.25
C PHE A 235 -11.45 9.86 26.99
N GLY A 236 -12.31 9.32 26.13
CA GLY A 236 -12.73 10.00 24.91
C GLY A 236 -13.42 11.33 25.18
N GLN A 237 -14.35 11.32 26.13
CA GLN A 237 -15.05 12.55 26.55
C GLN A 237 -14.06 13.65 26.96
N ARG A 238 -13.03 13.30 27.71
CA ARG A 238 -12.02 14.28 28.15
C ARG A 238 -11.21 14.81 26.97
N LEU A 239 -10.84 13.95 26.02
CA LEU A 239 -10.17 14.42 24.81
C LEU A 239 -11.04 15.45 24.09
N LYS A 240 -12.33 15.15 23.96
CA LYS A 240 -13.30 16.04 23.31
C LYS A 240 -13.41 17.37 24.03
N LYS A 241 -13.41 17.36 25.35
CA LYS A 241 -13.40 18.60 26.12
C LYS A 241 -12.16 19.44 25.83
N ILE A 242 -11.01 18.78 25.75
CA ILE A 242 -9.75 19.49 25.48
C ILE A 242 -9.77 20.06 24.08
N MET A 243 -10.30 19.29 23.14
CA MET A 243 -10.40 19.73 21.75
C MET A 243 -11.27 20.98 21.62
N ALA A 244 -12.40 21.00 22.34
CA ALA A 244 -13.25 22.21 22.45
C ALA A 244 -12.48 23.40 23.03
N GLN A 245 -11.65 23.18 24.06
CA GLN A 245 -10.83 24.26 24.62
C GLN A 245 -9.83 24.84 23.64
N ILE A 246 -9.13 23.98 22.92
CA ILE A 246 -8.17 24.44 21.91
C ILE A 246 -8.90 25.25 20.83
N GLN A 247 -10.08 24.79 20.42
CA GLN A 247 -10.82 25.48 19.35
C GLN A 247 -11.38 26.85 19.82
N GLU A 248 -11.80 26.94 21.09
CA GLU A 248 -12.14 28.25 21.69
C GLU A 248 -10.95 29.22 21.65
N HIS A 249 -9.77 28.74 22.07
CA HIS A 249 -8.50 29.51 22.04
C HIS A 249 -8.12 30.00 20.63
N MET A 250 -8.50 29.25 19.61
CA MET A 250 -8.28 29.67 18.23
C MET A 250 -9.13 30.88 17.82
N GLU A 251 -10.27 31.08 18.49
CA GLU A 251 -11.13 32.25 18.27
C GLU A 251 -11.60 32.34 16.81
N MET A 252 -12.22 31.27 16.33
CA MET A 252 -12.70 31.21 14.96
C MET A 252 -14.13 30.71 14.91
N PRO A 253 -14.97 31.37 14.10
CA PRO A 253 -16.33 30.88 13.94
C PRO A 253 -16.38 29.73 12.94
N GLU A 254 -17.42 28.91 13.07
CA GLU A 254 -17.72 27.83 12.12
C GLU A 254 -16.73 26.66 12.13
N LEU A 255 -15.94 26.51 13.20
CA LEU A 255 -15.01 25.36 13.30
C LEU A 255 -15.81 24.07 13.48
N PRO A 256 -15.34 22.96 12.89
CA PRO A 256 -16.08 21.71 13.01
C PRO A 256 -16.14 21.21 14.46
N GLN A 257 -17.23 20.53 14.80
CA GLN A 257 -17.46 20.00 16.14
C GLN A 257 -17.49 18.49 16.19
N ASN A 258 -17.38 17.83 15.04
CA ASN A 258 -17.57 16.38 14.94
C ASN A 258 -16.31 15.59 15.34
N PHE A 259 -15.93 15.73 16.62
CA PHE A 259 -14.65 15.21 17.09
C PHE A 259 -14.68 13.67 17.01
N GLY A 260 -13.54 13.08 16.65
CA GLY A 260 -13.38 11.63 16.60
C GLY A 260 -13.86 11.00 15.30
N THR A 261 -13.75 11.74 14.20
CA THR A 261 -14.21 11.28 12.89
C THR A 261 -13.19 11.61 11.82
N GLN A 262 -13.10 10.75 10.80
CA GLN A 262 -12.23 11.02 9.65
C GLN A 262 -12.57 12.32 8.90
N VAL A 263 -13.83 12.74 8.96
CA VAL A 263 -14.26 14.01 8.37
C VAL A 263 -13.63 15.20 9.11
N TYR A 264 -13.67 15.17 10.43
CA TYR A 264 -12.99 16.18 11.25
C TYR A 264 -11.47 16.19 10.96
N GLU A 265 -10.88 14.99 10.89
CA GLU A 265 -9.47 14.83 10.52
C GLU A 265 -9.17 15.60 9.23
N GLN A 266 -9.99 15.36 8.19
CA GLN A 266 -9.78 16.04 6.92
C GLN A 266 -9.91 17.55 7.02
N ARG A 267 -10.97 18.01 7.68
CA ARG A 267 -11.28 19.43 7.75
C ARG A 267 -10.21 20.18 8.51
N ILE A 268 -9.76 19.58 9.61
CA ILE A 268 -8.72 20.23 10.44
C ILE A 268 -7.36 20.30 9.74
N VAL A 269 -7.01 19.28 8.93
CA VAL A 269 -5.77 19.33 8.13
C VAL A 269 -5.91 20.34 6.98
N GLU A 270 -7.05 20.35 6.30
CA GLU A 270 -7.33 21.38 5.30
C GLU A 270 -7.20 22.80 5.88
N LEU A 271 -7.76 23.03 7.07
CA LEU A 271 -7.58 24.29 7.80
C LEU A 271 -6.10 24.56 8.09
N GLU A 272 -5.37 23.53 8.54
CA GLU A 272 -3.94 23.61 8.72
C GLU A 272 -3.21 24.05 7.45
N ASN A 273 -3.59 23.48 6.31
CA ASN A 273 -2.95 23.83 5.02
C ASN A 273 -3.26 25.26 4.58
N ARG A 274 -4.52 25.67 4.72
CA ARG A 274 -4.89 27.09 4.41
C ARG A 274 -4.13 28.05 5.31
N ALA A 275 -4.00 27.72 6.59
CA ALA A 275 -3.23 28.53 7.54
C ALA A 275 -1.75 28.59 7.19
N ALA A 276 -1.20 27.46 6.74
CA ALA A 276 0.18 27.44 6.24
C ALA A 276 0.30 28.35 5.01
N GLU A 277 -0.70 28.29 4.13
CA GLU A 277 -0.68 29.11 2.90
C GLU A 277 -0.76 30.62 3.12
N ARG A 278 -1.52 31.04 4.12
CA ARG A 278 -1.61 32.45 4.53
C ARG A 278 -0.64 32.82 5.66
N PHE A 279 0.17 31.88 6.13
CA PHE A 279 1.05 32.04 7.30
C PHE A 279 0.30 32.54 8.56
N CYS A 280 -0.72 31.77 8.94
CA CYS A 280 -1.47 31.98 10.16
C CYS A 280 -0.93 30.97 11.16
N ARG A 281 0.08 31.40 11.90
CA ARG A 281 0.89 30.53 12.75
C ARG A 281 0.08 29.88 13.86
N LYS A 282 -0.74 30.68 14.54
CA LYS A 282 -1.56 30.20 15.67
C LYS A 282 -2.63 29.20 15.22
N THR A 283 -3.30 29.48 14.11
CA THR A 283 -4.28 28.56 13.53
C THR A 283 -3.64 27.23 13.10
N ARG A 284 -2.50 27.33 12.41
N ARG A 284 -2.50 27.32 12.41
CA ARG A 284 -1.82 26.18 11.85
CA ARG A 284 -1.81 26.16 11.85
C ARG A 284 -1.32 25.21 12.92
C ARG A 284 -1.33 25.20 12.93
N VAL A 285 -0.69 25.75 13.95
CA VAL A 285 -0.15 24.97 15.04
C VAL A 285 -1.29 24.32 15.85
N CYS A 286 -2.33 25.09 16.15
CA CYS A 286 -3.51 24.52 16.84
C CYS A 286 -4.16 23.41 16.04
N ALA A 287 -4.26 23.61 14.72
CA ALA A 287 -4.82 22.60 13.82
C ALA A 287 -3.96 21.31 13.86
N LEU A 288 -2.64 21.49 13.75
CA LEU A 288 -1.68 20.38 13.89
C LEU A 288 -1.93 19.53 15.13
N HIS A 289 -2.06 20.19 16.28
CA HIS A 289 -2.26 19.50 17.55
C HIS A 289 -3.63 18.85 17.61
N LEU A 290 -4.65 19.57 17.15
CA LEU A 290 -6.00 19.01 17.05
C LEU A 290 -6.03 17.73 16.22
N ARG A 291 -5.26 17.68 15.13
CA ARG A 291 -5.17 16.42 14.38
C ARG A 291 -4.67 15.27 15.25
N ARG A 292 -3.67 15.55 16.08
CA ARG A 292 -3.14 14.56 17.02
C ARG A 292 -4.19 14.10 18.05
N TYR A 293 -4.95 15.02 18.62
CA TYR A 293 -6.04 14.63 19.53
C TYR A 293 -7.09 13.77 18.82
N ASN A 294 -7.37 14.10 17.56
CA ASN A 294 -8.34 13.34 16.78
C ASN A 294 -7.81 11.94 16.46
N ASP A 295 -6.51 11.83 16.17
CA ASP A 295 -5.85 10.52 15.99
C ASP A 295 -5.99 9.68 17.24
N ALA A 296 -5.86 10.32 18.40
CA ALA A 296 -6.00 9.61 19.69
C ALA A 296 -7.42 9.06 19.92
N LEU A 297 -8.45 9.84 19.56
CA LEU A 297 -9.83 9.34 19.62
C LEU A 297 -10.04 8.12 18.73
N LEU A 298 -9.49 8.16 17.51
CA LEU A 298 -9.62 7.03 16.59
C LEU A 298 -8.90 5.79 17.15
N ILE A 299 -7.70 5.99 17.69
CA ILE A 299 -6.97 4.92 18.38
C ILE A 299 -7.79 4.41 19.58
N ASN A 300 -8.31 5.33 20.38
CA ASN A 300 -9.18 4.95 21.51
C ASN A 300 -10.37 4.08 21.08
N ASP A 301 -11.00 4.42 19.97
CA ASP A 301 -12.13 3.62 19.48
C ASP A 301 -11.70 2.25 18.93
N THR A 302 -10.45 2.11 18.48
CA THR A 302 -9.97 0.89 17.81
C THR A 302 -9.26 -0.09 18.75
N VAL A 303 -8.42 0.44 19.64
CA VAL A 303 -7.66 -0.38 20.59
C VAL A 303 -7.82 0.15 22.01
N ARG A 304 -6.77 0.20 22.83
CA ARG A 304 -6.88 0.54 24.26
C ARG A 304 -6.79 2.02 24.50
N MET A 305 -7.36 2.47 25.62
CA MET A 305 -7.20 3.85 26.06
C MET A 305 -5.71 4.21 26.18
N MET A 306 -4.93 3.31 26.76
CA MET A 306 -3.48 3.55 26.94
C MET A 306 -2.71 3.69 25.62
N ASP A 307 -3.15 2.99 24.57
CA ASP A 307 -2.58 3.20 23.22
C ASP A 307 -2.86 4.64 22.77
N ALA A 308 -4.09 5.09 22.98
CA ALA A 308 -4.45 6.47 22.64
C ALA A 308 -3.69 7.48 23.49
N PHE A 309 -3.53 7.19 24.78
CA PHE A 309 -2.73 8.06 25.65
C PHE A 309 -1.28 8.18 25.18
N GLN A 310 -0.67 7.06 24.80
CA GLN A 310 0.73 7.07 24.34
C GLN A 310 0.94 7.86 23.05
N CYS A 311 -0.05 7.82 22.16
CA CYS A 311 -0.04 8.68 20.97
C CYS A 311 0.14 10.14 21.37
N LEU A 312 -0.71 10.65 22.25
CA LEU A 312 -0.60 12.04 22.72
C LEU A 312 0.68 12.30 23.53
N GLN A 313 1.04 11.37 24.42
CA GLN A 313 2.20 11.58 25.29
C GLN A 313 3.51 11.73 24.51
N GLN A 314 3.70 10.89 23.50
CA GLN A 314 4.93 10.92 22.69
C GLN A 314 5.01 12.17 21.84
N PHE A 315 3.85 12.69 21.41
CA PHE A 315 3.77 13.96 20.70
C PHE A 315 4.27 15.13 21.55
N TYR A 316 3.83 15.17 22.81
CA TYR A 316 4.20 16.26 23.74
C TYR A 316 5.52 16.06 24.48
N ALA A 317 5.99 14.82 24.62
CA ALA A 317 7.28 14.54 25.26
C ALA A 317 8.47 15.16 24.52
N ASP A 318 8.39 15.24 23.19
CA ASP A 318 9.45 15.78 22.33
C ASP A 318 9.39 17.30 22.06
N LYS A 319 8.58 18.05 22.81
CA LYS A 319 8.51 19.51 22.67
C LYS A 319 9.72 20.20 23.31
N LYS A 323 9.10 30.36 25.51
N LYS A 323 9.27 30.52 25.36
CA LYS A 323 8.92 29.89 24.15
CA LYS A 323 8.89 29.80 24.16
C LYS A 323 7.62 30.44 23.55
C LYS A 323 7.61 30.42 23.56
N ASP A 324 7.38 30.14 22.27
CA ASP A 324 6.16 30.52 21.53
C ASP A 324 4.85 30.33 22.34
N PRO A 325 4.05 31.39 22.53
CA PRO A 325 2.91 31.35 23.47
C PRO A 325 1.75 30.39 23.09
N THR A 326 1.56 30.15 21.80
CA THR A 326 0.54 29.19 21.33
C THR A 326 0.99 27.77 21.70
N GLU A 327 2.23 27.44 21.33
CA GLU A 327 2.76 26.10 21.57
C GLU A 327 2.88 25.79 23.07
N ARG A 328 3.13 26.81 23.90
CA ARG A 328 3.16 26.64 25.36
C ARG A 328 1.77 26.56 25.99
N PHE A 329 0.78 27.25 25.41
CA PHE A 329 -0.64 27.04 25.78
C PHE A 329 -1.09 25.57 25.56
N LEU A 330 -0.65 24.99 24.45
CA LEU A 330 -0.98 23.61 24.12
C LEU A 330 -0.26 22.61 25.06
N ALA A 331 1.03 22.84 25.30
CA ALA A 331 1.79 22.02 26.26
C ALA A 331 1.14 22.04 27.64
N THR A 332 0.80 23.24 28.09
CA THR A 332 0.11 23.44 29.36
C THR A 332 -1.24 22.72 29.42
N THR A 333 -2.01 22.81 28.34
CA THR A 333 -3.34 22.20 28.30
C THR A 333 -3.26 20.68 28.42
N PHE A 334 -2.30 20.05 27.72
CA PHE A 334 -2.11 18.61 27.83
C PHE A 334 -1.68 18.24 29.25
N GLU A 335 -0.62 18.90 29.71
CA GLU A 335 -0.09 18.69 31.08
C GLU A 335 -1.17 18.74 32.16
N GLU A 336 -2.10 19.69 32.05
CA GLU A 336 -3.22 19.82 32.99
C GLU A 336 -4.15 18.60 33.06
N ASN A 337 -4.22 17.85 31.96
CA ASN A 337 -5.08 16.66 31.87
C ASN A 337 -4.33 15.32 31.85
N ARG A 338 -2.99 15.36 31.76
CA ARG A 338 -2.16 14.16 31.49
C ARG A 338 -2.42 13.03 32.50
N ALA A 339 -2.28 13.35 33.78
CA ALA A 339 -2.44 12.37 34.86
C ALA A 339 -3.83 11.73 34.89
N THR A 340 -4.86 12.57 34.74
CA THR A 340 -6.24 12.11 34.67
C THR A 340 -6.46 11.19 33.46
N LEU A 341 -5.88 11.56 32.33
CA LEU A 341 -5.97 10.73 31.13
C LEU A 341 -5.30 9.37 31.38
N GLN A 342 -4.14 9.38 32.03
CA GLN A 342 -3.44 8.12 32.30
C GLN A 342 -4.21 7.20 33.24
N ALA A 343 -4.74 7.77 34.32
CA ALA A 343 -5.50 7.00 35.32
C ALA A 343 -6.76 6.41 34.71
N LEU A 344 -7.50 7.21 33.95
CA LEU A 344 -8.66 6.72 33.20
C LEU A 344 -8.27 5.56 32.28
N ALA A 345 -7.10 5.67 31.67
CA ALA A 345 -6.61 4.65 30.74
C ALA A 345 -6.28 3.32 31.41
N GLY A 346 -5.93 3.37 32.70
CA GLY A 346 -5.73 2.15 33.49
C GLY A 346 -6.98 1.51 34.05
N ASP A 347 -8.16 2.11 33.83
CA ASP A 347 -9.40 1.64 34.44
C ASP A 347 -10.11 0.59 33.57
N GLN A 348 -10.14 -0.63 34.08
CA GLN A 348 -10.80 -1.77 33.44
C GLN A 348 -12.30 -1.54 33.16
N ARG A 349 -12.95 -0.69 33.95
CA ARG A 349 -14.37 -0.36 33.75
C ARG A 349 -14.70 0.21 32.36
N TYR A 350 -13.76 0.94 31.75
CA TYR A 350 -14.02 1.64 30.48
C TYR A 350 -13.35 0.97 29.28
N GLU A 351 -13.17 -0.34 29.36
CA GLU A 351 -12.53 -1.17 28.35
C GLU A 351 -13.26 -1.08 26.99
N ASN A 352 -12.49 -1.17 25.91
CA ASN A 352 -13.05 -1.13 24.56
C ASN A 352 -13.84 -2.42 24.25
N PRO A 353 -15.15 -2.31 23.98
CA PRO A 353 -15.90 -3.52 23.65
C PRO A 353 -15.43 -4.27 22.40
N ARG A 354 -14.76 -3.59 21.47
CA ARG A 354 -14.07 -4.27 20.36
C ARG A 354 -13.08 -5.30 20.88
N LEU A 355 -12.34 -4.91 21.92
CA LEU A 355 -11.30 -5.78 22.47
C LEU A 355 -11.91 -6.89 23.32
N SER A 356 -12.94 -6.57 24.10
CA SER A 356 -13.70 -7.60 24.83
C SER A 356 -14.23 -8.66 23.88
N LYS A 357 -14.80 -8.23 22.77
CA LYS A 357 -15.31 -9.17 21.78
C LYS A 357 -14.20 -10.02 21.19
N LEU A 358 -13.07 -9.40 20.84
CA LEU A 358 -11.93 -10.15 20.31
C LEU A 358 -11.38 -11.16 21.33
N GLU A 359 -11.39 -10.79 22.61
CA GLU A 359 -10.97 -11.72 23.67
C GLU A 359 -11.89 -12.94 23.72
N GLU A 360 -13.21 -12.71 23.68
CA GLU A 360 -14.18 -13.80 23.63
C GLU A 360 -13.90 -14.76 22.48
N ILE A 361 -13.65 -14.21 21.28
CA ILE A 361 -13.38 -15.02 20.08
C ILE A 361 -12.12 -15.87 20.26
N LEU A 362 -11.03 -15.26 20.76
CA LEU A 362 -9.78 -15.99 20.92
C LEU A 362 -9.85 -17.01 22.06
N GLN A 363 -10.45 -16.64 23.20
CA GLN A 363 -10.76 -17.59 24.29
C GLN A 363 -11.49 -18.85 23.82
N GLU A 364 -12.51 -18.66 22.99
CA GLU A 364 -13.32 -19.77 22.48
C GLU A 364 -12.60 -20.65 21.46
N HIS A 365 -11.78 -20.05 20.59
CA HIS A 365 -11.18 -20.82 19.49
C HIS A 365 -9.75 -21.30 19.72
N PHE A 366 -9.04 -20.72 20.69
CA PHE A 366 -7.71 -21.22 21.08
C PHE A 366 -7.74 -22.05 22.37
N GLN A 367 -8.89 -22.69 22.66
CA GLN A 367 -8.99 -23.76 23.67
C GLN A 367 -9.43 -25.05 22.98
N PRO A 368 -8.62 -26.13 23.04
CA PRO A 368 -7.32 -26.28 23.72
C PRO A 368 -6.15 -25.50 23.07
N GLY A 370 -3.39 -23.69 20.54
CA GLY A 370 -2.58 -24.85 20.16
C GLY A 370 -2.94 -25.42 18.80
N SER A 371 -4.22 -25.73 18.60
CA SER A 371 -4.73 -26.30 17.34
C SER A 371 -5.16 -25.19 16.34
N SER A 372 -5.91 -24.20 16.85
CA SER A 372 -6.30 -23.03 16.05
C SER A 372 -5.11 -22.25 15.51
N ARG A 373 -5.27 -21.76 14.29
CA ARG A 373 -4.23 -21.07 13.55
C ARG A 373 -4.91 -19.90 12.85
N GLY A 374 -4.70 -18.72 13.40
CA GLY A 374 -5.52 -17.55 13.10
C GLY A 374 -4.76 -16.35 12.56
N ILE A 375 -5.45 -15.54 11.75
CA ILE A 375 -4.97 -14.22 11.37
C ILE A 375 -6.05 -13.22 11.76
N VAL A 376 -5.67 -12.20 12.52
CA VAL A 376 -6.54 -11.08 12.82
C VAL A 376 -6.06 -9.94 11.94
N PHE A 377 -6.93 -9.53 11.01
CA PHE A 377 -6.64 -8.45 10.07
C PHE A 377 -7.05 -7.11 10.64
N THR A 378 -6.13 -6.15 10.56
CA THR A 378 -6.36 -4.80 11.06
C THR A 378 -5.86 -3.82 10.00
N LYS A 379 -6.26 -2.56 10.12
CA LYS A 379 -5.99 -1.54 9.10
C LYS A 379 -4.54 -1.06 9.07
N THR A 380 -4.05 -0.62 10.22
CA THR A 380 -2.77 0.07 10.30
C THR A 380 -1.69 -0.78 10.92
N ARG A 381 -0.46 -0.47 10.57
CA ARG A 381 0.69 -1.15 11.16
C ARG A 381 0.71 -0.94 12.67
N GLN A 382 0.47 0.30 13.08
CA GLN A 382 0.37 0.68 14.50
C GLN A 382 -0.66 -0.21 15.22
N SER A 383 -1.85 -0.35 14.62
CA SER A 383 -2.91 -1.17 15.21
C SER A 383 -2.50 -2.61 15.43
N ALA A 384 -1.80 -3.20 14.46
CA ALA A 384 -1.30 -4.54 14.60
C ALA A 384 -0.38 -4.66 15.84
N HIS A 385 0.58 -3.75 15.95
CA HIS A 385 1.47 -3.75 17.12
C HIS A 385 0.72 -3.57 18.44
N SER A 386 -0.29 -2.69 18.46
CA SER A 386 -1.08 -2.44 19.66
C SER A 386 -1.95 -3.62 20.07
N LEU A 387 -2.47 -4.36 19.09
CA LEU A 387 -3.22 -5.58 19.37
C LEU A 387 -2.33 -6.65 19.98
N LEU A 388 -1.11 -6.80 19.48
CA LEU A 388 -0.17 -7.77 20.05
C LEU A 388 0.11 -7.45 21.52
N SER A 389 0.47 -6.20 21.78
CA SER A 389 0.72 -5.74 23.16
C SER A 389 -0.51 -5.98 24.05
N TRP A 390 -1.70 -5.68 23.52
CA TRP A 390 -2.96 -5.98 24.22
C TRP A 390 -3.08 -7.45 24.57
N LEU A 391 -2.84 -8.32 23.59
CA LEU A 391 -2.96 -9.74 23.83
C LEU A 391 -1.97 -10.20 24.91
N GLN A 392 -0.75 -9.66 24.86
CA GLN A 392 0.28 -10.03 25.80
C GLN A 392 0.02 -9.49 27.20
N ASP A 393 -0.77 -8.43 27.31
CA ASP A 393 -1.16 -7.87 28.59
C ASP A 393 -2.51 -8.40 29.13
N THR A 394 -3.19 -9.30 28.40
CA THR A 394 -4.53 -9.73 28.77
C THR A 394 -4.46 -11.04 29.53
N ALA A 395 -4.78 -11.00 30.81
CA ALA A 395 -4.68 -12.16 31.70
C ALA A 395 -5.66 -13.28 31.30
N GLY A 396 -6.84 -12.91 30.80
CA GLY A 396 -7.81 -13.89 30.30
C GLY A 396 -7.38 -14.78 29.15
N LEU A 397 -6.32 -14.41 28.43
CA LEU A 397 -5.80 -15.18 27.29
C LEU A 397 -4.50 -15.95 27.57
N CYS A 398 -4.04 -15.92 28.82
CA CYS A 398 -2.83 -16.66 29.23
C CYS A 398 -3.15 -18.14 29.49
N GLY A 399 -2.16 -19.00 29.28
CA GLY A 399 -2.35 -20.45 29.40
C GLY A 399 -3.25 -21.04 28.32
N GLN A 400 -3.37 -20.33 27.19
CA GLN A 400 -4.08 -20.83 26.02
C GLN A 400 -3.09 -21.17 24.90
N HIS A 401 -1.80 -21.07 25.22
CA HIS A 401 -0.72 -21.37 24.28
C HIS A 401 -0.81 -20.56 22.97
N ILE A 402 -1.18 -19.27 23.10
CA ILE A 402 -1.22 -18.35 21.96
C ILE A 402 0.16 -17.75 21.79
N ARG A 403 0.81 -18.08 20.68
CA ARG A 403 2.09 -17.53 20.29
C ARG A 403 1.82 -16.65 19.10
N ALA A 404 1.80 -15.34 19.36
CA ALA A 404 1.38 -14.36 18.38
C ALA A 404 2.52 -13.48 17.88
N ALA A 405 2.38 -12.99 16.66
CA ALA A 405 3.30 -12.00 16.10
C ALA A 405 2.57 -11.05 15.18
N VAL A 406 3.21 -9.89 14.98
CA VAL A 406 2.78 -8.94 13.98
C VAL A 406 3.29 -9.33 12.60
N LEU A 407 2.45 -9.13 11.59
CA LEU A 407 2.85 -9.20 10.20
C LEU A 407 2.38 -7.94 9.50
N THR A 408 3.34 -7.16 8.98
CA THR A 408 3.03 -6.02 8.14
C THR A 408 3.88 -6.12 6.89
N GLY A 409 3.50 -5.34 5.91
CA GLY A 409 4.31 -5.15 4.71
C GLY A 409 5.42 -4.16 4.94
N SER A 410 6.03 -3.76 3.82
CA SER A 410 7.23 -2.91 3.80
C SER A 410 6.93 -1.42 3.83
N GLY A 411 5.64 -1.05 3.92
CA GLY A 411 5.25 0.34 4.14
C GLY A 411 5.93 0.89 5.39
N HIS A 412 6.14 2.20 5.41
CA HIS A 412 6.91 2.83 6.48
C HIS A 412 6.47 4.29 6.67
N SER A 413 6.51 4.72 7.92
CA SER A 413 6.22 6.10 8.26
C SER A 413 6.82 6.39 9.63
N ASN A 414 6.82 7.67 9.99
CA ASN A 414 7.26 8.11 11.32
C ASN A 414 6.53 7.35 12.43
N GLN A 415 5.20 7.23 12.29
CA GLN A 415 4.36 6.53 13.28
C GLN A 415 4.69 5.04 13.44
N ALA A 416 5.02 4.37 12.34
CA ALA A 416 5.18 2.92 12.36
C ALA A 416 6.05 2.44 11.21
N LYS A 417 7.20 1.87 11.53
CA LYS A 417 8.06 1.27 10.52
C LYS A 417 7.49 -0.05 9.98
N GLY A 418 8.08 -0.49 8.88
CA GLY A 418 7.62 -1.68 8.19
C GLY A 418 8.40 -2.90 8.60
N MET A 419 8.12 -3.97 7.87
CA MET A 419 8.85 -5.22 7.99
C MET A 419 9.46 -5.53 6.63
N THR A 420 10.75 -5.82 6.63
CA THR A 420 11.48 -6.21 5.43
C THR A 420 11.03 -7.58 4.95
N GLN A 421 11.44 -7.91 3.74
CA GLN A 421 11.20 -9.22 3.12
C GLN A 421 11.53 -10.40 4.03
N ASN A 422 12.73 -10.39 4.62
N ASN A 422 12.72 -10.38 4.62
CA ASN A 422 13.17 -11.45 5.52
CA ASN A 422 13.16 -11.45 5.51
C ASN A 422 12.35 -11.50 6.82
C ASN A 422 12.38 -11.50 6.83
N GLU A 423 12.06 -10.33 7.37
CA GLU A 423 11.25 -10.23 8.59
C GLU A 423 9.84 -10.79 8.39
N GLN A 424 9.24 -10.50 7.23
CA GLN A 424 7.95 -11.08 6.87
C GLN A 424 8.01 -12.58 6.77
N GLN A 425 9.04 -13.05 6.07
CA GLN A 425 9.23 -14.46 5.81
C GLN A 425 9.46 -15.25 7.11
N ASP A 426 10.20 -14.65 8.06
CA ASP A 426 10.43 -15.29 9.35
C ASP A 426 9.12 -15.56 10.10
N VAL A 427 8.26 -14.56 10.18
CA VAL A 427 6.95 -14.74 10.80
C VAL A 427 6.07 -15.80 10.06
N ILE A 428 6.03 -15.71 8.74
CA ILE A 428 5.24 -16.62 7.91
C ILE A 428 5.69 -18.07 8.06
N THR A 429 7.01 -18.27 8.07
CA THR A 429 7.56 -19.61 8.18
C THR A 429 7.25 -20.24 9.53
N LEU A 430 7.33 -19.44 10.61
CA LEU A 430 6.94 -19.93 11.92
C LEU A 430 5.43 -20.16 12.03
N PHE A 431 4.66 -19.30 11.37
CA PHE A 431 3.21 -19.46 11.34
C PHE A 431 2.82 -20.75 10.59
N ARG A 432 3.54 -21.08 9.52
CA ARG A 432 3.17 -22.15 8.62
C ARG A 432 2.86 -23.45 9.35
N TYR A 433 3.72 -23.88 10.29
CA TYR A 433 3.49 -25.13 11.04
C TYR A 433 3.19 -24.94 12.53
N GLY A 434 2.94 -23.71 12.94
CA GLY A 434 2.38 -23.45 14.24
C GLY A 434 3.36 -23.07 15.33
N GLU A 435 4.64 -22.85 14.99
CA GLU A 435 5.58 -22.25 15.94
C GLU A 435 5.04 -20.90 16.47
N LEU A 436 4.38 -20.16 15.59
CA LEU A 436 3.43 -19.12 15.94
C LEU A 436 2.06 -19.61 15.51
N ASN A 437 1.04 -19.28 16.27
CA ASN A 437 -0.31 -19.69 15.89
C ASN A 437 -1.32 -18.57 15.70
N LEU A 438 -0.87 -17.32 15.83
CA LEU A 438 -1.76 -16.21 15.62
C LEU A 438 -0.98 -15.03 15.06
N LEU A 439 -1.45 -14.46 13.95
CA LEU A 439 -0.89 -13.24 13.41
C LEU A 439 -1.85 -12.05 13.53
N PHE A 440 -1.29 -10.91 13.92
CA PHE A 440 -1.98 -9.64 13.77
C PHE A 440 -1.41 -9.01 12.51
N SER A 441 -2.22 -8.96 11.45
CA SER A 441 -1.74 -8.59 10.12
C SER A 441 -2.46 -7.39 9.53
N THR A 442 -1.73 -6.57 8.78
CA THR A 442 -2.30 -5.60 7.85
C THR A 442 -2.76 -6.32 6.58
N SER A 443 -3.24 -5.54 5.61
CA SER A 443 -3.64 -6.07 4.29
C SER A 443 -2.52 -6.78 3.50
N VAL A 444 -1.27 -6.70 3.98
CA VAL A 444 -0.16 -7.40 3.33
C VAL A 444 -0.44 -8.88 3.08
N ALA A 445 -1.17 -9.53 3.98
CA ALA A 445 -1.44 -10.95 3.93
C ALA A 445 -2.87 -11.29 3.49
N GLU A 446 -3.61 -10.35 2.92
CA GLU A 446 -5.00 -10.65 2.55
C GLU A 446 -5.10 -11.50 1.26
N GLU A 447 -4.15 -11.37 0.35
CA GLU A 447 -4.15 -12.12 -0.91
C GLU A 447 -2.95 -13.07 -0.98
N GLY A 448 -3.12 -14.21 -1.61
CA GLY A 448 -1.98 -15.03 -2.04
C GLY A 448 -1.35 -15.91 -0.98
N LEU A 449 -1.19 -15.39 0.24
CA LEU A 449 -0.62 -16.17 1.35
C LEU A 449 -1.29 -17.52 1.49
N ASP A 450 -0.48 -18.57 1.47
CA ASP A 450 -0.97 -19.94 1.56
C ASP A 450 -0.45 -20.64 2.83
N ILE A 451 -1.34 -20.75 3.82
CA ILE A 451 -1.09 -21.47 5.06
C ILE A 451 -2.17 -22.58 5.16
N PRO A 452 -1.89 -23.78 4.64
CA PRO A 452 -2.92 -24.85 4.62
C PRO A 452 -3.59 -25.10 5.97
N GLU A 453 -2.85 -24.92 7.07
CA GLU A 453 -3.39 -25.14 8.42
C GLU A 453 -4.15 -23.95 9.02
N CYS A 454 -4.18 -22.79 8.34
CA CYS A 454 -4.92 -21.63 8.86
C CYS A 454 -6.44 -21.89 8.82
N ASN A 455 -7.08 -21.81 9.99
CA ASN A 455 -8.50 -22.13 10.09
C ASN A 455 -9.38 -21.03 10.68
N ILE A 456 -8.80 -19.83 10.90
CA ILE A 456 -9.55 -18.70 11.44
C ILE A 456 -9.03 -17.40 10.85
N VAL A 457 -9.95 -16.59 10.33
CA VAL A 457 -9.64 -15.23 9.94
C VAL A 457 -10.66 -14.34 10.65
N VAL A 458 -10.16 -13.31 11.31
CA VAL A 458 -10.98 -12.27 11.94
C VAL A 458 -10.66 -10.97 11.23
N ARG A 459 -11.67 -10.24 10.80
CA ARG A 459 -11.48 -8.94 10.20
C ARG A 459 -11.98 -7.91 11.18
N TYR A 460 -11.05 -7.10 11.68
CA TYR A 460 -11.27 -6.26 12.85
C TYR A 460 -11.60 -4.83 12.43
N GLY A 461 -12.90 -4.53 12.33
CA GLY A 461 -13.36 -3.17 12.08
C GLY A 461 -12.95 -2.58 10.74
N LEU A 462 -12.91 -3.42 9.70
CA LEU A 462 -12.33 -3.02 8.42
C LEU A 462 -13.40 -2.46 7.48
N MET A 463 -12.99 -1.50 6.64
CA MET A 463 -13.84 -0.91 5.62
C MET A 463 -13.13 -1.09 4.29
N THR A 464 -13.46 -2.14 3.57
CA THR A 464 -12.75 -2.54 2.36
C THR A 464 -13.76 -2.83 1.24
N ASN A 465 -13.26 -3.03 0.02
CA ASN A 465 -14.10 -3.50 -1.07
C ASN A 465 -14.30 -5.03 -0.98
N GLU A 466 -15.08 -5.57 -1.91
CA GLU A 466 -15.46 -6.99 -1.86
C GLU A 466 -14.32 -7.92 -2.23
N ILE A 467 -13.37 -7.43 -3.02
CA ILE A 467 -12.17 -8.17 -3.35
C ILE A 467 -11.36 -8.49 -2.08
N ALA A 468 -11.05 -7.44 -1.30
CA ALA A 468 -10.33 -7.62 -0.04
C ALA A 468 -11.07 -8.56 0.93
N MET A 469 -12.40 -8.50 0.93
CA MET A 469 -13.22 -9.38 1.76
C MET A 469 -13.05 -10.85 1.37
N VAL A 470 -13.22 -11.13 0.09
CA VAL A 470 -13.10 -12.48 -0.48
C VAL A 470 -11.70 -13.03 -0.25
N GLN A 471 -10.70 -12.22 -0.58
CA GLN A 471 -9.32 -12.65 -0.43
C GLN A 471 -8.95 -12.96 1.04
N ALA A 472 -9.27 -12.05 1.96
CA ALA A 472 -8.91 -12.22 3.37
C ALA A 472 -9.56 -13.47 3.97
N GLN A 473 -10.86 -13.65 3.72
CA GLN A 473 -11.58 -14.89 4.04
C GLN A 473 -10.83 -16.11 3.58
N GLY A 474 -10.32 -16.03 2.36
CA GLY A 474 -9.62 -17.13 1.72
C GLY A 474 -8.30 -17.56 2.35
N ARG A 475 -7.71 -16.76 3.25
CA ARG A 475 -6.50 -17.21 3.95
C ARG A 475 -6.78 -18.40 4.87
N ALA A 476 -8.02 -18.55 5.32
CA ALA A 476 -8.40 -19.72 6.08
C ALA A 476 -8.54 -20.93 5.14
N ARG A 477 -7.43 -21.61 4.91
CA ARG A 477 -7.38 -22.72 3.93
C ARG A 477 -8.00 -24.01 4.44
N ALA A 478 -8.00 -24.21 5.75
CA ALA A 478 -8.34 -25.49 6.35
C ALA A 478 -9.80 -25.91 6.17
N GLN A 479 -10.00 -27.22 6.22
CA GLN A 479 -11.32 -27.82 6.38
C GLN A 479 -11.88 -27.30 7.68
N ASN A 480 -13.15 -26.92 7.69
CA ASN A 480 -13.83 -26.39 8.87
C ASN A 480 -13.16 -25.11 9.38
N SER A 481 -13.02 -24.15 8.48
CA SER A 481 -12.48 -22.84 8.82
C SER A 481 -13.62 -21.96 9.28
N MET A 482 -13.26 -20.89 9.97
CA MET A 482 -14.19 -19.90 10.48
C MET A 482 -13.71 -18.52 10.04
N TYR A 483 -14.68 -17.66 9.72
CA TYR A 483 -14.45 -16.28 9.35
C TYR A 483 -15.36 -15.38 10.20
N SER A 484 -14.74 -14.41 10.89
CA SER A 484 -15.46 -13.52 11.79
C SER A 484 -15.32 -12.09 11.31
N VAL A 485 -16.47 -11.40 11.25
CA VAL A 485 -16.48 -9.97 11.03
C VAL A 485 -16.69 -9.33 12.38
N LEU A 486 -15.65 -8.68 12.90
CA LEU A 486 -15.74 -8.02 14.19
C LEU A 486 -15.95 -6.54 13.96
N ALA A 487 -17.19 -6.10 14.16
CA ALA A 487 -17.56 -4.72 13.88
C ALA A 487 -18.63 -4.19 14.83
N LYS A 488 -18.77 -2.88 14.84
CA LYS A 488 -19.74 -2.21 15.67
C LYS A 488 -21.14 -2.44 15.08
N ALA A 489 -22.10 -2.86 15.91
CA ALA A 489 -23.47 -3.08 15.45
C ALA A 489 -24.06 -1.80 14.85
N ASN A 490 -24.82 -1.96 13.77
CA ASN A 490 -25.50 -0.85 13.06
C ASN A 490 -24.58 0.14 12.36
N SER A 491 -23.32 -0.26 12.14
CA SER A 491 -22.32 0.63 11.58
C SER A 491 -22.25 0.49 10.06
N ARG A 492 -21.53 1.41 9.47
CA ARG A 492 -21.23 1.40 8.05
C ARG A 492 -20.40 0.18 7.67
N GLU A 493 -19.58 -0.29 8.61
CA GLU A 493 -18.76 -1.50 8.45
C GLU A 493 -19.62 -2.75 8.19
N VAL A 494 -20.70 -2.89 8.97
CA VAL A 494 -21.61 -4.02 8.84
C VAL A 494 -22.34 -3.90 7.48
N TYR A 495 -22.91 -2.74 7.20
CA TYR A 495 -23.54 -2.47 5.89
C TYR A 495 -22.62 -2.84 4.72
N ARG A 496 -21.39 -2.34 4.75
CA ARG A 496 -20.46 -2.54 3.64
C ARG A 496 -20.06 -3.98 3.47
N GLU A 497 -19.94 -4.70 4.58
CA GLU A 497 -19.73 -6.15 4.55
C GLU A 497 -20.92 -6.85 3.85
N GLN A 498 -22.14 -6.46 4.22
CA GLN A 498 -23.35 -7.09 3.62
C GLN A 498 -23.45 -6.77 2.14
N LEU A 499 -23.20 -5.51 1.76
CA LEU A 499 -23.22 -5.12 0.37
C LEU A 499 -22.19 -5.95 -0.41
N ASN A 500 -20.97 -5.99 0.11
CA ASN A 500 -19.85 -6.73 -0.51
C ASN A 500 -20.21 -8.18 -0.79
N GLU A 501 -20.84 -8.86 0.16
CA GLU A 501 -21.37 -10.22 -0.07
C GLU A 501 -22.24 -10.29 -1.34
N SER A 502 -23.17 -9.36 -1.50
CA SER A 502 -24.02 -9.33 -2.70
C SER A 502 -23.25 -8.97 -3.96
N LEU A 503 -22.20 -8.15 -3.81
CA LEU A 503 -21.33 -7.83 -4.93
C LEU A 503 -20.52 -9.01 -5.46
N VAL A 504 -20.20 -9.96 -4.58
CA VAL A 504 -19.55 -11.22 -5.02
C VAL A 504 -20.49 -12.01 -5.93
N GLY A 505 -21.75 -12.14 -5.53
CA GLY A 505 -22.77 -12.82 -6.34
C GLY A 505 -22.97 -12.12 -7.68
N LEU A 506 -23.02 -10.79 -7.64
CA LEU A 506 -23.17 -9.96 -8.84
C LEU A 506 -21.97 -10.08 -9.78
N MET A 507 -20.76 -10.03 -9.22
CA MET A 507 -19.53 -10.29 -9.95
C MET A 507 -19.60 -11.63 -10.69
N GLU A 508 -20.07 -12.66 -10.00
CA GLU A 508 -20.17 -14.01 -10.59
C GLU A 508 -21.16 -14.05 -11.75
N ARG A 509 -22.36 -13.52 -11.54
CA ARG A 509 -23.34 -13.30 -12.64
C ARG A 509 -22.74 -12.60 -13.84
N ALA A 510 -22.00 -11.53 -13.57
CA ALA A 510 -21.37 -10.75 -14.63
C ALA A 510 -20.32 -11.56 -15.38
N ILE A 511 -19.50 -12.32 -14.67
CA ILE A 511 -18.47 -13.15 -15.33
C ILE A 511 -19.11 -14.20 -16.26
N ARG A 512 -20.17 -14.87 -15.79
N ARG A 512 -20.17 -14.87 -15.78
CA ARG A 512 -20.91 -15.86 -16.58
CA ARG A 512 -20.92 -15.86 -16.58
C ARG A 512 -21.50 -15.28 -17.86
C ARG A 512 -21.47 -15.25 -17.87
N ALA A 513 -22.07 -14.08 -17.76
CA ALA A 513 -22.60 -13.36 -18.94
C ALA A 513 -21.50 -13.03 -19.96
N VAL A 514 -20.31 -12.61 -19.50
CA VAL A 514 -19.20 -12.36 -20.41
C VAL A 514 -18.68 -13.66 -21.04
N GLN A 515 -18.67 -14.74 -20.26
CA GLN A 515 -18.28 -16.05 -20.78
C GLN A 515 -19.21 -16.60 -21.88
N ALA A 516 -20.51 -16.33 -21.75
CA ALA A 516 -21.52 -16.78 -22.73
C ALA A 516 -21.75 -15.80 -23.92
N MET A 517 -21.06 -14.67 -23.91
CA MET A 517 -21.22 -13.62 -24.90
C MET A 517 -20.81 -14.12 -26.29
N PRO A 518 -21.62 -13.82 -27.33
CA PRO A 518 -21.22 -14.15 -28.70
C PRO A 518 -19.84 -13.58 -29.02
N GLU A 519 -18.94 -14.44 -29.53
CA GLU A 519 -17.54 -14.08 -29.76
C GLU A 519 -17.39 -12.75 -30.50
N ARG A 520 -18.21 -12.55 -31.52
CA ARG A 520 -18.12 -11.37 -32.37
C ARG A 520 -18.46 -10.09 -31.59
N LYS A 521 -19.49 -10.15 -30.76
CA LYS A 521 -19.87 -9.02 -29.91
C LYS A 521 -18.82 -8.74 -28.82
N TYR A 522 -18.23 -9.81 -28.27
CA TYR A 522 -17.17 -9.68 -27.25
C TYR A 522 -15.93 -9.04 -27.88
N ARG A 523 -15.48 -9.57 -29.02
CA ARG A 523 -14.32 -9.02 -29.72
C ARG A 523 -14.45 -7.53 -30.05
N LEU A 524 -15.62 -7.13 -30.55
CA LEU A 524 -15.89 -5.72 -30.88
C LEU A 524 -15.82 -4.82 -29.64
N LYS A 525 -16.37 -5.32 -28.53
CA LYS A 525 -16.33 -4.60 -27.27
C LYS A 525 -14.91 -4.45 -26.71
N ILE A 526 -14.11 -5.51 -26.78
CA ILE A 526 -12.70 -5.44 -26.33
C ILE A 526 -11.89 -4.42 -27.16
N VAL A 527 -12.02 -4.46 -28.48
CA VAL A 527 -11.28 -3.54 -29.32
C VAL A 527 -11.63 -2.09 -28.97
N GLU A 528 -12.93 -1.83 -28.81
CA GLU A 528 -13.41 -0.51 -28.41
C GLU A 528 -12.82 -0.03 -27.06
N LEU A 529 -12.84 -0.89 -26.04
CA LEU A 529 -12.30 -0.51 -24.72
C LEU A 529 -10.78 -0.30 -24.75
N GLN A 530 -10.08 -1.16 -25.48
CA GLN A 530 -8.63 -1.03 -25.66
C GLN A 530 -8.25 0.28 -26.36
N ARG A 531 -8.95 0.59 -27.46
CA ARG A 531 -8.74 1.86 -28.16
C ARG A 531 -8.96 3.06 -27.23
N ASN A 532 -10.10 3.09 -26.53
N ASN A 532 -10.09 3.08 -26.53
CA ASN A 532 -10.36 4.18 -25.57
CA ASN A 532 -10.38 4.15 -25.57
C ASN A 532 -9.30 4.26 -24.47
C ASN A 532 -9.32 4.26 -24.46
N ALA A 533 -8.79 3.11 -24.01
CA ALA A 533 -7.76 3.08 -22.97
C ALA A 533 -6.49 3.78 -23.43
N VAL A 534 -6.00 3.42 -24.62
CA VAL A 534 -4.76 3.99 -25.13
C VAL A 534 -4.93 5.47 -25.48
N LEU A 535 -6.13 5.88 -25.90
CA LEU A 535 -6.42 7.30 -26.14
C LEU A 535 -6.53 8.10 -24.86
N SER A 536 -7.22 7.56 -23.86
CA SER A 536 -7.38 8.24 -22.56
C SER A 536 -6.04 8.49 -21.88
N TRP A 537 -5.12 7.53 -21.99
CA TRP A 537 -3.76 7.67 -21.47
C TRP A 537 -3.06 8.86 -22.10
N GLN A 538 -3.14 8.98 -23.44
CA GLN A 538 -2.50 10.08 -24.16
C GLN A 538 -3.06 11.43 -23.67
N VAL A 539 -4.37 11.52 -23.46
CA VAL A 539 -4.99 12.76 -22.96
C VAL A 539 -4.51 13.06 -21.54
N LYS A 540 -4.51 12.05 -20.67
CA LYS A 540 -3.99 12.23 -19.30
C LYS A 540 -2.54 12.72 -19.29
N GLU A 541 -1.69 12.07 -20.07
CA GLU A 541 -0.29 12.49 -20.24
C GLU A 541 -0.12 13.93 -20.68
N ALA A 542 -0.85 14.31 -21.72
CA ALA A 542 -0.81 15.70 -22.22
C ALA A 542 -1.28 16.69 -21.17
N ARG A 543 -2.31 16.33 -20.42
CA ARG A 543 -2.81 17.15 -19.33
C ARG A 543 -1.75 17.36 -18.23
N SER A 544 -1.10 16.28 -17.82
CA SER A 544 -0.03 16.33 -16.82
C SER A 544 1.14 17.22 -17.24
N SER A 545 1.51 17.12 -18.53
CA SER A 545 2.60 17.93 -19.08
C SER A 545 2.27 19.41 -19.07
N GLU A 546 1.05 19.76 -19.49
CA GLU A 546 0.59 21.17 -19.50
C GLU A 546 0.60 21.80 -18.11
N ARG A 547 0.17 21.05 -17.11
CA ARG A 547 0.13 21.53 -15.72
C ARG A 547 1.56 21.77 -15.21
N ARG A 548 2.46 20.86 -15.57
CA ARG A 548 3.89 20.94 -15.26
C ARG A 548 4.64 22.12 -15.91
N GLN A 549 4.11 22.65 -17.03
CA GLN A 549 4.74 23.77 -17.74
C GLN A 549 4.09 25.15 -17.46
N LEU A 550 3.28 25.27 -16.41
CA LEU A 550 2.58 26.55 -16.15
C LEU A 550 3.49 27.71 -15.72
N HIS A 551 4.58 27.42 -15.00
CA HIS A 551 5.44 28.47 -14.44
C HIS A 551 6.91 28.23 -14.77
N ASP A 552 7.62 29.33 -14.97
CA ASP A 552 9.08 29.34 -15.06
C ASP A 552 9.60 28.97 -13.65
N PRO A 553 10.54 28.02 -13.55
CA PRO A 553 11.14 27.68 -12.24
C PRO A 553 11.74 28.86 -11.46
N ASP A 554 12.28 29.85 -12.17
CA ASP A 554 12.82 31.07 -11.57
C ASP A 554 11.76 31.87 -10.79
N ASP A 555 10.48 31.72 -11.13
CA ASP A 555 9.40 32.46 -10.48
C ASP A 555 8.69 31.70 -9.33
N VAL A 556 9.23 30.56 -8.95
CA VAL A 556 8.66 29.75 -7.89
C VAL A 556 9.63 29.78 -6.71
N TYR A 557 9.13 30.23 -5.57
CA TYR A 557 9.91 30.30 -4.34
C TYR A 557 9.37 29.30 -3.32
N PHE A 558 10.29 28.69 -2.58
CA PHE A 558 9.95 27.79 -1.49
C PHE A 558 10.11 28.55 -0.20
N HIS A 559 9.09 28.46 0.66
CA HIS A 559 9.07 29.08 1.98
C HIS A 559 9.02 27.99 3.03
N CYS A 560 9.72 28.17 4.15
CA CYS A 560 9.58 27.26 5.29
C CYS A 560 8.15 27.32 5.81
N VAL A 561 7.49 26.18 5.92
CA VAL A 561 6.10 26.13 6.41
C VAL A 561 5.89 26.68 7.85
N ASN A 562 6.94 26.68 8.68
CA ASN A 562 6.78 27.11 10.06
C ASN A 562 7.00 28.59 10.28
N CYS A 563 8.12 29.09 9.76
CA CYS A 563 8.50 30.50 9.93
C CYS A 563 8.35 31.34 8.66
N ASN A 564 7.99 30.71 7.53
CA ASN A 564 7.69 31.41 6.25
C ASN A 564 8.87 32.07 5.53
N VAL A 565 10.10 31.87 6.00
CA VAL A 565 11.30 32.43 5.35
C VAL A 565 11.48 31.82 3.94
N ALA A 566 11.93 32.64 3.00
CA ALA A 566 12.20 32.17 1.64
C ALA A 566 13.54 31.45 1.61
N VAL A 567 13.60 30.26 1.03
CA VAL A 567 14.81 29.42 1.14
C VAL A 567 15.48 29.01 -0.18
N CYS A 568 14.69 28.79 -1.22
CA CYS A 568 15.25 28.54 -2.55
C CYS A 568 14.19 28.79 -3.64
N ARG A 569 14.59 28.59 -4.89
CA ARG A 569 13.67 28.73 -6.04
C ARG A 569 13.52 27.40 -6.75
N GLY A 570 12.53 27.32 -7.65
CA GLY A 570 12.32 26.11 -8.44
C GLY A 570 13.53 25.72 -9.27
N SER A 571 14.27 26.71 -9.76
CA SER A 571 15.43 26.49 -10.61
C SER A 571 16.63 25.93 -9.87
N ASP A 572 16.59 25.94 -8.53
CA ASP A 572 17.57 25.22 -7.71
C ASP A 572 17.33 23.73 -7.61
N ILE A 573 16.15 23.26 -8.03
CA ILE A 573 15.75 21.85 -7.83
C ILE A 573 16.13 20.97 -9.01
N ARG A 574 16.59 19.75 -8.71
CA ARG A 574 16.80 18.70 -9.72
C ARG A 574 16.27 17.38 -9.16
N THR A 575 15.97 16.44 -10.06
CA THR A 575 15.54 15.09 -9.68
C THR A 575 16.68 14.10 -9.89
N VAL A 576 17.01 13.35 -8.85
CA VAL A 576 17.98 12.26 -8.93
C VAL A 576 17.21 10.95 -9.09
N GLU A 577 17.57 10.17 -10.11
CA GLU A 577 16.95 8.86 -10.40
C GLU A 577 15.43 8.99 -10.56
N ALA A 578 14.98 10.07 -11.23
CA ALA A 578 13.55 10.36 -11.48
C ALA A 578 12.64 10.27 -10.24
N MET A 579 13.17 10.62 -9.07
CA MET A 579 12.45 10.47 -7.79
C MET A 579 12.81 11.52 -6.73
N HIS A 580 14.09 11.75 -6.52
CA HIS A 580 14.54 12.47 -5.33
C HIS A 580 14.87 13.91 -5.66
N HIS A 581 14.16 14.83 -5.01
CA HIS A 581 14.21 16.24 -5.36
C HIS A 581 15.24 16.91 -4.47
N VAL A 582 16.35 17.29 -5.09
CA VAL A 582 17.48 17.90 -4.40
C VAL A 582 17.70 19.37 -4.82
N ASN A 583 18.19 20.16 -3.89
CA ASN A 583 18.61 21.51 -4.18
C ASN A 583 20.09 21.46 -4.52
N ILE A 584 20.46 21.91 -5.71
CA ILE A 584 21.85 21.86 -6.16
C ILE A 584 22.64 23.15 -5.97
N ASN A 585 22.01 24.17 -5.37
CA ASN A 585 22.63 25.48 -5.21
C ASN A 585 23.71 25.43 -4.13
N PRO A 586 24.97 25.83 -4.47
CA PRO A 586 26.03 25.78 -3.45
C PRO A 586 25.79 26.63 -2.21
N ASN A 587 24.96 27.67 -2.29
CA ASN A 587 24.67 28.54 -1.15
C ASN A 587 23.45 28.16 -0.32
N PHE A 588 22.76 27.11 -0.72
CA PHE A 588 21.61 26.62 0.04
C PHE A 588 22.00 26.10 1.42
N ARG A 589 23.25 25.69 1.57
CA ARG A 589 23.77 25.25 2.86
C ARG A 589 23.68 26.29 3.97
N PHE A 590 23.58 27.59 3.64
CA PHE A 590 23.39 28.63 4.67
C PHE A 590 21.94 28.74 5.18
N TYR A 591 21.00 28.02 4.55
CA TYR A 591 19.58 28.07 4.90
C TYR A 591 19.12 26.84 5.69
N TYR A 592 19.86 25.72 5.58
CA TYR A 592 19.56 24.54 6.37
C TYR A 592 20.70 24.17 7.32
N THR A 593 20.34 23.55 8.43
CA THR A 593 21.28 23.02 9.42
C THR A 593 21.11 21.49 9.44
N VAL A 594 22.22 20.76 9.36
CA VAL A 594 22.24 19.30 9.50
C VAL A 594 22.05 18.96 10.99
N SER A 595 21.12 18.07 11.31
CA SER A 595 20.98 17.60 12.70
C SER A 595 21.75 16.29 12.87
N SER A 596 22.36 16.11 14.03
CA SER A 596 23.19 14.93 14.28
C SER A 596 22.33 13.66 14.31
N GLY A 597 22.93 12.56 13.84
CA GLY A 597 22.27 11.26 13.76
C GLY A 597 22.00 10.88 12.31
N LYS A 598 22.86 10.02 11.75
CA LYS A 598 22.60 9.43 10.43
C LYS A 598 21.30 8.62 10.43
N ILE A 599 20.41 8.93 9.50
CA ILE A 599 19.23 8.09 9.23
C ILE A 599 19.74 6.77 8.64
N HIS A 600 19.17 5.65 9.10
CA HIS A 600 19.51 4.32 8.58
C HIS A 600 18.25 3.65 8.03
N PHE A 601 18.30 3.29 6.74
CA PHE A 601 17.30 2.44 6.14
C PHE A 601 17.76 0.99 6.28
N GLU A 602 16.80 0.07 6.22
CA GLU A 602 17.11 -1.37 6.20
C GLU A 602 17.71 -1.79 4.86
N ARG A 603 17.17 -1.26 3.77
N ARG A 603 17.16 -1.27 3.77
CA ARG A 603 17.64 -1.53 2.41
CA ARG A 603 17.66 -1.54 2.42
C ARG A 603 18.80 -0.60 2.05
C ARG A 603 18.82 -0.60 2.08
N THR A 604 19.89 -1.15 1.52
CA THR A 604 21.04 -0.35 1.05
C THR A 604 20.95 -0.29 -0.48
N PHE A 605 21.22 0.89 -1.03
CA PHE A 605 21.11 1.12 -2.48
C PHE A 605 22.48 1.14 -3.12
N ARG A 606 22.50 1.07 -4.43
CA ARG A 606 23.75 0.97 -5.18
C ARG A 606 24.47 2.31 -5.21
N ASP A 607 23.75 3.36 -5.58
CA ASP A 607 24.35 4.68 -5.86
C ASP A 607 24.27 5.69 -4.72
N TRP A 608 23.54 5.39 -3.65
CA TRP A 608 23.39 6.33 -2.55
C TRP A 608 22.96 5.73 -1.23
N GLU A 609 23.22 6.47 -0.16
CA GLU A 609 22.69 6.17 1.16
C GLU A 609 22.24 7.47 1.83
N PRO A 610 21.27 7.37 2.74
CA PRO A 610 20.86 8.57 3.45
C PRO A 610 21.92 9.07 4.44
N GLY A 611 22.08 10.40 4.53
CA GLY A 611 22.99 11.05 5.46
C GLY A 611 22.19 11.44 6.69
N CYS A 612 22.26 12.71 7.07
CA CYS A 612 21.54 13.21 8.24
C CYS A 612 20.30 13.99 7.83
N ARG A 613 19.39 14.16 8.78
CA ARG A 613 18.23 15.04 8.61
C ARG A 613 18.71 16.49 8.52
N ILE A 614 17.98 17.27 7.72
CA ILE A 614 18.22 18.71 7.62
C ILE A 614 16.99 19.47 8.10
N VAL A 615 17.25 20.65 8.66
CA VAL A 615 16.23 21.49 9.23
C VAL A 615 16.52 22.95 8.88
N CYS A 616 15.50 23.78 9.06
CA CYS A 616 15.58 25.21 8.84
C CYS A 616 16.56 25.83 9.85
N SER A 617 17.57 26.54 9.34
CA SER A 617 18.57 27.19 10.18
C SER A 617 18.05 28.39 10.99
N GLU A 618 16.87 28.91 10.64
CA GLU A 618 16.30 30.08 11.35
C GLU A 618 15.20 29.72 12.35
N CYS A 619 14.59 28.54 12.22
CA CYS A 619 13.56 28.10 13.18
C CYS A 619 13.55 26.62 13.60
N ARG A 620 14.44 25.78 13.04
CA ARG A 620 14.55 24.34 13.37
C ARG A 620 13.45 23.41 12.83
N GLN A 621 12.58 23.94 11.97
CA GLN A 621 11.58 23.14 11.25
C GLN A 621 12.26 22.10 10.38
N GLU A 622 11.77 20.86 10.44
CA GLU A 622 12.31 19.77 9.62
C GLU A 622 12.05 20.04 8.15
N TRP A 623 13.05 19.83 7.30
CA TRP A 623 12.92 20.01 5.86
C TRP A 623 13.08 18.75 5.04
N GLY A 624 13.97 17.86 5.45
CA GLY A 624 14.23 16.64 4.68
C GLY A 624 15.52 16.00 5.16
N MET A 625 16.29 15.45 4.24
CA MET A 625 17.52 14.74 4.61
C MET A 625 18.64 14.89 3.59
N GLU A 626 19.86 14.61 4.03
CA GLU A 626 21.01 14.51 3.13
C GLU A 626 20.93 13.22 2.34
N MET A 627 21.39 13.28 1.10
CA MET A 627 21.56 12.12 0.25
C MET A 627 23.04 12.10 -0.08
N ILE A 628 23.72 11.03 0.30
CA ILE A 628 25.13 10.87 -0.04
C ILE A 628 25.13 10.09 -1.33
N TYR A 629 25.23 10.82 -2.45
CA TYR A 629 25.11 10.24 -3.78
C TYR A 629 26.50 10.14 -4.35
N ARG A 630 26.99 8.90 -4.50
CA ARG A 630 28.40 8.65 -4.85
C ARG A 630 29.35 9.46 -3.93
N ASN A 631 30.15 10.39 -4.50
CA ASN A 631 31.13 11.19 -3.76
C ASN A 631 30.68 12.62 -3.50
N VAL A 632 29.38 12.88 -3.48
CA VAL A 632 28.84 14.20 -3.04
C VAL A 632 27.69 14.02 -2.09
N THR A 633 27.41 15.08 -1.34
CA THR A 633 26.25 15.12 -0.48
C THR A 633 25.29 16.20 -0.93
N LEU A 634 24.04 15.80 -1.18
CA LEU A 634 22.98 16.65 -1.72
C LEU A 634 21.80 16.69 -0.73
N PRO A 635 21.22 17.88 -0.48
CA PRO A 635 20.04 17.94 0.37
C PRO A 635 18.76 17.61 -0.39
N ILE A 636 18.03 16.59 0.08
CA ILE A 636 16.69 16.27 -0.42
C ILE A 636 15.71 17.14 0.33
N LEU A 637 14.81 17.79 -0.40
CA LEU A 637 13.76 18.59 0.23
C LEU A 637 12.47 17.83 0.20
N SER A 638 11.88 17.63 1.38
CA SER A 638 10.55 17.04 1.52
C SER A 638 9.50 18.16 1.33
N ILE A 639 8.71 18.07 0.26
CA ILE A 639 7.78 19.16 -0.15
C ILE A 639 6.80 19.60 0.96
N LYS A 640 6.37 18.66 1.80
CA LYS A 640 5.39 18.92 2.87
C LYS A 640 5.87 19.91 3.94
N ASN A 641 7.16 20.24 3.98
CA ASN A 641 7.66 21.24 4.92
C ASN A 641 7.74 22.64 4.34
N PHE A 642 7.19 22.85 3.14
CA PHE A 642 7.23 24.16 2.50
C PHE A 642 5.87 24.64 1.98
N VAL A 643 5.71 25.95 1.92
CA VAL A 643 4.68 26.59 1.11
C VAL A 643 5.36 27.02 -0.18
N VAL A 644 4.76 26.66 -1.31
CA VAL A 644 5.32 26.92 -2.64
C VAL A 644 4.61 28.14 -3.20
N VAL A 645 5.37 29.18 -3.53
CA VAL A 645 4.81 30.48 -3.90
C VAL A 645 5.17 30.76 -5.35
N THR A 646 4.16 31.11 -6.13
CA THR A 646 4.32 31.56 -7.51
C THR A 646 3.71 32.96 -7.59
N PRO A 647 3.83 33.62 -8.75
CA PRO A 647 3.19 34.95 -8.82
C PRO A 647 1.66 34.91 -8.70
N ASP A 648 1.04 33.78 -9.07
CA ASP A 648 -0.42 33.57 -8.93
C ASP A 648 -0.90 33.16 -7.53
N GLU A 649 -0.39 32.05 -6.99
CA GLU A 649 -0.89 31.50 -5.71
C GLU A 649 0.20 31.04 -4.73
N LYS A 650 -0.22 30.75 -3.51
CA LYS A 650 0.60 30.08 -2.51
C LYS A 650 -0.07 28.76 -2.21
N LYS A 651 0.68 27.66 -2.29
CA LYS A 651 0.09 26.35 -2.10
C LYS A 651 0.95 25.40 -1.28
N LYS A 652 0.27 24.62 -0.45
CA LYS A 652 0.87 23.57 0.32
C LYS A 652 0.70 22.30 -0.52
N TYR A 653 1.80 21.60 -0.80
CA TYR A 653 1.76 20.36 -1.58
C TYR A 653 2.01 19.14 -0.69
N LYS A 654 1.41 18.01 -1.09
CA LYS A 654 1.68 16.72 -0.48
C LYS A 654 2.78 16.02 -1.28
N LYS A 655 2.59 15.95 -2.60
CA LYS A 655 3.49 15.28 -3.55
C LYS A 655 4.22 16.31 -4.42
N TRP A 656 5.48 16.04 -4.76
CA TRP A 656 6.21 16.83 -5.79
C TRP A 656 5.55 16.76 -7.18
N SER A 657 4.89 15.64 -7.48
CA SER A 657 4.32 15.41 -8.81
C SER A 657 3.17 16.35 -9.20
N THR A 658 2.57 17.04 -8.23
CA THR A 658 1.55 18.05 -8.53
C THR A 658 2.08 19.52 -8.60
N VAL A 659 3.41 19.73 -8.56
CA VAL A 659 3.95 21.09 -8.76
C VAL A 659 3.83 21.53 -10.23
N THR A 660 3.64 22.84 -10.43
CA THR A 660 3.38 23.41 -11.74
C THR A 660 4.57 24.17 -12.37
N PHE A 661 5.78 23.67 -12.15
CA PHE A 661 6.94 24.11 -12.90
C PHE A 661 7.76 22.90 -13.26
N PRO A 662 8.49 22.94 -14.39
CA PRO A 662 9.33 21.81 -14.78
C PRO A 662 10.61 21.70 -13.95
N ILE A 663 11.08 20.47 -13.76
CA ILE A 663 12.29 20.20 -13.00
C ILE A 663 13.18 19.29 -13.83
N GLU A 664 14.39 19.76 -14.11
CA GLU A 664 15.40 18.99 -14.85
C GLU A 664 15.99 17.82 -14.04
N GLU A 665 16.44 16.79 -14.75
CA GLU A 665 17.10 15.65 -14.11
C GLU A 665 18.45 16.14 -13.64
N PHE A 666 18.92 15.58 -12.53
CA PHE A 666 20.23 15.88 -11.98
C PHE A 666 21.28 15.28 -12.91
N SER A 667 22.36 16.03 -13.16
CA SER A 667 23.53 15.49 -13.85
C SER A 667 24.73 15.52 -12.91
N TYR A 668 25.32 14.35 -12.67
CA TYR A 668 26.44 14.18 -11.74
C TYR A 668 27.72 14.84 -12.23
N LEU A 669 28.02 14.60 -13.50
CA LEU A 669 29.20 15.15 -14.17
C LEU A 669 29.18 16.69 -14.15
N GLU A 670 28.07 17.26 -14.61
CA GLU A 670 27.84 18.71 -14.66
C GLU A 670 27.91 19.35 -13.27
N TYR A 671 27.34 18.68 -12.26
CA TYR A 671 27.38 19.17 -10.87
C TYR A 671 28.79 19.16 -10.30
N CYS A 672 29.50 18.04 -10.47
CA CYS A 672 30.89 17.91 -10.00
C CYS A 672 31.78 18.99 -10.61
N SER A 673 31.66 19.17 -11.93
CA SER A 673 32.34 20.24 -12.67
C SER A 673 32.08 21.65 -12.13
N SER A 674 30.81 21.98 -11.89
CA SER A 674 30.44 23.33 -11.46
C SER A 674 30.79 23.60 -9.99
N THR A 675 30.65 22.59 -9.13
CA THR A 675 31.00 22.72 -7.70
C THR A 675 32.49 22.97 -7.44
N GLN A 676 33.36 22.45 -8.32
CA GLN A 676 34.81 22.61 -8.20
C GLN A 676 35.33 23.81 -9.02
N ASP A 677 34.73 24.97 -8.76
CA ASP A 677 35.10 26.25 -9.40
C ASP A 677 35.42 27.29 -8.33
N GLU A 678 34.44 27.56 -7.45
CA GLU A 678 34.59 28.55 -6.36
C GLU A 678 35.85 28.29 -5.50
N SER A 679 35.97 27.08 -4.97
CA SER A 679 37.16 26.68 -4.21
C SER A 679 37.27 25.15 -4.08
PG GTP B 1 7.92 9.84 6.89
O1G GTP B 1 8.08 11.29 6.49
O2G GTP B 1 7.96 8.87 5.72
O3G GTP B 1 6.78 9.62 7.87
O3B GTP B 1 9.27 9.49 7.70
PB GTP B 1 10.10 10.55 8.62
O1B GTP B 1 10.83 11.54 7.75
O2B GTP B 1 9.21 11.12 9.69
O3A GTP B 1 11.19 9.62 9.38
PA GTP B 1 12.25 8.53 8.77
O1A GTP B 1 13.56 8.79 9.50
O2A GTP B 1 11.62 7.16 8.84
O5' GTP B 1 12.56 8.81 7.22
C5' GTP B 1 13.35 9.88 6.71
C4' GTP B 1 13.09 10.01 5.22
O4' GTP B 1 13.58 8.82 4.59
C3' GTP B 1 11.61 10.12 4.84
O3' GTP B 1 11.48 10.90 3.65
C2' GTP B 1 11.22 8.68 4.56
O2' GTP B 1 10.03 8.60 3.79
C1' GTP B 1 12.50 8.17 3.91
N9 GTP B 1 12.55 6.67 3.90
C8 GTP B 1 12.29 5.81 4.91
N7 GTP B 1 12.44 4.52 4.46
C5 GTP B 1 12.80 4.56 3.16
C6 GTP B 1 13.13 3.58 2.08
O6 GTP B 1 13.10 2.35 2.25
N1 GTP B 1 13.47 4.04 0.86
C2 GTP B 1 13.53 5.35 0.60
N2 GTP B 1 13.88 5.76 -0.64
N3 GTP B 1 13.24 6.30 1.53
C4 GTP B 1 12.88 5.97 2.81
ZN ZN C . 11.83 28.01 9.29
PB ADP D . -4.70 -19.89 -5.28
O1B ADP D . -5.56 -19.09 -4.37
O2B ADP D . -5.50 -20.45 -6.45
O3B ADP D . -3.42 -19.23 -5.70
PA ADP D . -2.72 -21.68 -4.27
O1A ADP D . -2.11 -20.86 -3.16
O2A ADP D . -2.03 -21.71 -5.61
O3A ADP D . -4.26 -21.20 -4.45
O5' ADP D . -2.99 -23.20 -3.81
C5' ADP D . -3.56 -23.54 -2.55
C4' ADP D . -2.95 -24.83 -2.07
O4' ADP D . -3.35 -25.95 -2.88
C3' ADP D . -1.42 -24.81 -2.13
O3' ADP D . -0.95 -25.29 -0.88
C2' ADP D . -1.06 -25.71 -3.30
O2' ADP D . 0.23 -26.29 -3.23
C1' ADP D . -2.19 -26.72 -3.24
N9 ADP D . -2.52 -27.41 -4.50
C8 ADP D . -2.72 -26.82 -5.69
N7 ADP D . -3.04 -27.74 -6.64
C5 ADP D . -3.07 -28.95 -6.03
C6 ADP D . -3.35 -30.35 -6.43
N6 ADP D . -3.65 -30.63 -7.70
N1 ADP D . -3.26 -31.32 -5.49
C2 ADP D . -2.94 -31.04 -4.21
N3 ADP D . -2.68 -29.78 -3.77
C4 ADP D . -2.73 -28.72 -4.61
AL ALF E . -5.40 -17.12 -3.97
F1 ALF E . -4.55 -16.75 -5.52
F2 ALF E . -6.26 -17.49 -2.44
F3 ALF E . -6.96 -16.89 -4.85
F4 ALF E . -3.85 -17.34 -3.10
MG MG F . -2.70 -17.38 -5.23
S SO4 G . -11.32 -33.40 -10.20
O1 SO4 G . -9.92 -33.91 -10.15
O2 SO4 G . -11.92 -33.43 -8.85
O3 SO4 G . -12.11 -34.26 -11.12
O4 SO4 G . -11.39 -32.00 -10.69
S SO4 H . 7.28 17.29 -20.02
O1 SO4 H . 8.55 17.87 -19.55
O2 SO4 H . 6.17 18.18 -19.61
O3 SO4 H . 7.29 17.17 -21.50
O4 SO4 H . 7.16 15.96 -19.39
S SO4 I . 1.83 38.60 -2.07
O1 SO4 I . 2.21 38.04 -0.75
O2 SO4 I . 1.42 40.01 -1.88
O3 SO4 I . 2.97 38.52 -3.02
O4 SO4 I . 0.69 37.85 -2.62
S SO4 J . -0.31 34.49 13.40
O1 SO4 J . -0.40 33.62 14.59
O2 SO4 J . -0.07 35.90 13.81
O3 SO4 J . 0.82 34.08 12.50
O4 SO4 J . -1.57 34.41 12.66
S SO4 K . -1.73 -2.60 -2.82
O1 SO4 K . -1.77 -3.08 -1.42
O2 SO4 K . -1.99 -1.16 -2.89
O3 SO4 K . -0.38 -2.87 -3.37
O4 SO4 K . -2.75 -3.31 -3.63
#